data_2WYF
#
_entry.id   2WYF
#
_cell.length_a   49.885
_cell.length_b   99.788
_cell.length_c   91.318
_cell.angle_alpha   90.00
_cell.angle_beta   100.77
_cell.angle_gamma   90.00
#
_symmetry.space_group_name_H-M   'P 1 21 1'
#
loop_
_entity.id
_entity.type
_entity.pdbx_description
1 polymer 'PA-I GALACTOPHILIC LECTIN'
2 branched 'alpha-D-galactopyranose-(1-2)-methyl beta-D-galactopyranoside'
3 non-polymer 'CALCIUM ION'
4 non-polymer alpha-D-galactopyranose
5 water water
#
_entity_poly.entity_id   1
_entity_poly.type   'polypeptide(L)'
_entity_poly.pdbx_seq_one_letter_code
;AWKGEVLANNEAGQVTSIIYNPGDVITIVAAGWASYGPTQKWGPQGDREHPDQGLICHDAFCGALVMKIGNSGTIPVNTG
LFRWVAPNNVQGAITLIYNDVPGTYGNNSGSFSVNIGKDQS
;
_entity_poly.pdbx_strand_id   A,B,C,D,E,F,G,H
#
loop_
_chem_comp.id
_chem_comp.type
_chem_comp.name
_chem_comp.formula
CA non-polymer 'CALCIUM ION' 'Ca 2'
GLA D-saccharide, alpha linking alpha-D-galactopyranose 'C6 H12 O6'
MBG D-saccharide 'methyl beta-D-galactopyranoside' 'C7 H14 O6'
#
# COMPACT_ATOMS: atom_id res chain seq x y z
N ALA A 1 2.53 17.62 11.14
CA ALA A 1 2.74 19.04 11.56
C ALA A 1 3.26 19.15 13.02
N TRP A 2 4.55 18.90 13.22
CA TRP A 2 5.20 19.19 14.49
C TRP A 2 6.12 20.39 14.33
N LYS A 3 6.13 21.20 15.38
CA LYS A 3 6.95 22.39 15.51
C LYS A 3 7.51 22.33 16.93
N GLY A 4 8.81 22.56 17.10
CA GLY A 4 9.36 22.68 18.43
C GLY A 4 10.82 23.00 18.44
N GLU A 5 11.50 22.58 19.50
CA GLU A 5 12.86 23.04 19.79
C GLU A 5 13.69 21.80 20.06
N VAL A 6 15.01 21.93 19.94
CA VAL A 6 15.93 20.87 20.29
C VAL A 6 17.04 21.59 21.03
N LEU A 7 17.26 21.26 22.31
CA LEU A 7 18.35 21.88 23.08
C LEU A 7 19.70 21.23 22.74
N ALA A 8 20.74 22.06 22.57
CA ALA A 8 22.09 21.55 22.32
C ALA A 8 22.59 20.66 23.46
N ASN A 9 22.25 21.01 24.70
CA ASN A 9 22.71 20.28 25.86
C ASN A 9 21.91 19.04 26.22
N ASN A 10 20.95 18.65 25.39
CA ASN A 10 20.14 17.48 25.68
C ASN A 10 20.62 16.24 24.97
N GLU A 11 21.35 15.39 25.68
CA GLU A 11 22.00 14.22 25.06
C GLU A 11 21.01 13.20 24.45
N ALA A 12 19.87 13.01 25.13
CA ALA A 12 18.83 12.09 24.68
C ALA A 12 18.10 12.55 23.40
N GLY A 13 18.10 13.83 23.11
CA GLY A 13 17.32 14.38 22.00
C GLY A 13 15.91 14.83 22.37
N GLN A 14 15.24 15.40 21.37
CA GLN A 14 13.86 15.79 21.44
C GLN A 14 13.04 14.78 20.60
N VAL A 15 12.24 14.00 21.31
CA VAL A 15 11.26 13.14 20.70
C VAL A 15 10.17 14.05 20.17
N THR A 16 9.90 13.97 18.87
CA THR A 16 8.80 14.68 18.22
C THR A 16 7.56 13.78 18.16
N SER A 17 6.43 14.37 17.77
CA SER A 17 5.18 13.64 17.61
C SER A 17 5.05 12.93 16.26
N ILE A 18 6.10 12.98 15.43
CA ILE A 18 6.04 12.47 14.06
C ILE A 18 6.53 11.03 14.07
N ILE A 19 5.61 10.13 13.74
CA ILE A 19 5.90 8.73 13.49
C ILE A 19 6.09 8.62 11.99
N TYR A 20 7.30 8.24 11.57
CA TYR A 20 7.54 8.04 10.13
C TYR A 20 7.04 6.65 9.72
N ASN A 21 6.19 6.57 8.68
CA ASN A 21 5.63 5.28 8.17
C ASN A 21 6.09 4.98 6.74
N PRO A 22 6.18 3.68 6.35
CA PRO A 22 6.49 3.32 4.98
C PRO A 22 5.76 4.19 3.95
N GLY A 23 6.51 4.73 3.00
CA GLY A 23 5.96 5.61 1.98
C GLY A 23 5.79 7.09 2.32
N ASP A 24 5.88 7.48 3.60
CA ASP A 24 5.70 8.89 4.03
C ASP A 24 6.74 9.77 3.38
N VAL A 25 6.32 10.97 2.99
CA VAL A 25 7.25 11.96 2.42
C VAL A 25 7.31 13.13 3.40
N ILE A 26 8.49 13.44 3.90
CA ILE A 26 8.63 14.51 4.89
C ILE A 26 9.52 15.70 4.44
N THR A 27 9.16 16.86 4.96
CA THR A 27 9.96 18.09 4.86
C THR A 27 10.37 18.49 6.27
N ILE A 28 11.60 18.93 6.41
CA ILE A 28 12.09 19.49 7.68
C ILE A 28 12.89 20.75 7.38
N VAL A 29 12.59 21.81 8.16
CA VAL A 29 13.38 23.04 8.18
C VAL A 29 13.91 23.27 9.58
N ALA A 30 15.24 23.33 9.71
CA ALA A 30 15.89 23.66 11.00
C ALA A 30 16.58 25.01 10.98
N ALA A 31 16.43 25.78 12.04
CA ALA A 31 17.10 27.07 12.11
C ALA A 31 17.69 27.26 13.47
N GLY A 32 18.64 28.18 13.60
CA GLY A 32 19.07 28.63 14.91
C GLY A 32 20.55 28.59 15.21
N TRP A 33 20.88 28.88 16.47
CA TRP A 33 22.27 29.06 16.90
C TRP A 33 22.51 28.30 18.14
N ALA A 34 23.56 27.48 18.14
CA ALA A 34 23.92 26.64 19.28
C ALA A 34 25.42 26.28 19.30
N SER A 35 25.93 25.98 20.50
CA SER A 35 27.33 25.68 20.72
C SER A 35 27.52 24.32 21.38
N TYR A 36 28.66 23.71 21.08
CA TYR A 36 29.08 22.47 21.72
C TYR A 36 30.15 22.71 22.82
N GLY A 37 30.22 23.95 23.32
CA GLY A 37 31.26 24.30 24.29
C GLY A 37 31.78 25.72 24.11
N PRO A 38 32.32 26.04 22.92
CA PRO A 38 32.95 27.36 22.75
C PRO A 38 31.95 28.50 22.88
N THR A 39 32.45 29.70 23.11
CA THR A 39 31.63 30.90 23.13
C THR A 39 30.99 31.25 21.75
N GLN A 40 31.65 30.89 20.66
CA GLN A 40 31.06 31.00 19.33
C GLN A 40 29.83 30.09 19.16
N LYS A 41 29.03 30.40 18.16
CA LYS A 41 27.81 29.66 17.91
C LYS A 41 27.74 29.27 16.43
N TRP A 42 27.19 28.07 16.16
CA TRP A 42 26.98 27.54 14.80
C TRP A 42 25.53 27.23 14.51
N GLY A 43 25.19 27.23 13.21
CA GLY A 43 23.83 26.92 12.74
C GLY A 43 23.64 25.42 12.59
N PRO A 44 22.51 25.00 12.02
CA PRO A 44 22.14 23.57 11.94
C PRO A 44 23.16 22.61 11.23
N GLN A 45 24.06 23.16 10.40
CA GLN A 45 25.12 22.39 9.75
C GLN A 45 26.34 22.17 10.65
N GLY A 46 26.45 22.94 11.72
CA GLY A 46 27.41 22.66 12.77
C GLY A 46 28.72 23.30 12.42
N ASP A 47 29.81 22.79 12.99
CA ASP A 47 31.14 23.38 12.80
C ASP A 47 32.02 22.58 11.86
N ARG A 48 32.13 23.06 10.62
CA ARG A 48 32.92 22.37 9.61
C ARG A 48 34.41 22.30 9.85
N GLU A 49 34.88 23.03 10.87
CA GLU A 49 36.31 23.16 11.18
C GLU A 49 36.81 22.22 12.27
N HIS A 50 35.87 21.58 12.99
CA HIS A 50 36.10 20.80 14.21
C HIS A 50 36.19 19.31 13.86
N PRO A 51 37.23 18.63 14.37
CA PRO A 51 37.44 17.19 14.15
C PRO A 51 36.40 16.29 14.82
N ASP A 52 36.13 15.15 14.20
CA ASP A 52 35.24 14.13 14.76
C ASP A 52 35.96 13.34 15.86
N GLN A 53 35.44 13.50 17.08
CA GLN A 53 36.06 12.96 18.29
C GLN A 53 35.18 11.94 18.96
N GLY A 54 34.31 11.30 18.16
CA GLY A 54 33.41 10.26 18.67
C GLY A 54 31.97 10.72 18.63
N LEU A 55 31.61 11.48 17.58
CA LEU A 55 30.25 12.03 17.40
C LEU A 55 29.22 10.92 17.24
N ILE A 56 28.00 11.17 17.70
CA ILE A 56 26.88 10.23 17.56
C ILE A 56 26.46 10.05 16.09
N CYS A 57 26.86 11.04 15.27
CA CYS A 57 26.74 10.92 13.83
C CYS A 57 28.07 11.26 13.18
N HIS A 58 28.75 10.24 12.67
CA HIS A 58 30.01 10.47 11.97
C HIS A 58 29.83 11.10 10.59
N ASP A 59 28.60 11.13 10.09
CA ASP A 59 28.33 11.70 8.76
C ASP A 59 27.78 13.14 8.79
N ALA A 60 27.95 13.80 9.94
CA ALA A 60 27.63 15.21 10.09
C ALA A 60 28.70 15.82 10.99
N PHE A 61 28.93 17.13 10.85
CA PHE A 61 29.87 17.90 11.72
C PHE A 61 29.42 18.04 13.17
N CYS A 62 30.37 18.30 14.06
CA CYS A 62 30.07 18.62 15.46
C CYS A 62 29.17 19.87 15.52
N GLY A 63 28.01 19.71 16.16
CA GLY A 63 27.06 20.80 16.29
C GLY A 63 25.96 20.82 15.23
N ALA A 64 25.98 19.86 14.31
CA ALA A 64 24.90 19.67 13.31
C ALA A 64 23.63 19.05 13.92
N LEU A 65 22.48 19.35 13.31
CA LEU A 65 21.24 18.63 13.66
C LEU A 65 21.19 17.26 12.98
N VAL A 66 20.94 16.22 13.78
CA VAL A 66 20.80 14.83 13.31
C VAL A 66 19.47 14.30 13.82
N MET A 67 19.04 13.15 13.30
CA MET A 67 17.83 12.48 13.79
C MET A 67 18.02 10.98 13.89
N LYS A 68 17.13 10.33 14.63
CA LYS A 68 16.84 8.90 14.50
C LYS A 68 15.35 8.73 14.19
N ILE A 69 15.06 7.81 13.27
CA ILE A 69 13.70 7.34 13.04
C ILE A 69 13.59 5.94 13.66
N GLY A 70 12.67 5.78 14.62
CA GLY A 70 12.47 4.50 15.30
C GLY A 70 13.77 4.00 15.93
N ASN A 71 14.16 2.79 15.56
CA ASN A 71 15.43 2.24 16.02
C ASN A 71 16.57 2.30 14.97
N SER A 72 16.54 3.32 14.11
CA SER A 72 17.64 3.58 13.18
C SER A 72 18.90 4.21 13.82
N GLY A 73 20.00 4.18 13.06
CA GLY A 73 21.22 4.92 13.40
C GLY A 73 20.98 6.38 13.11
N THR A 74 21.92 7.25 13.47
CA THR A 74 21.71 8.69 13.28
C THR A 74 21.68 9.03 11.76
N ILE A 75 20.83 9.97 11.35
CA ILE A 75 20.72 10.41 9.95
C ILE A 75 20.95 11.94 10.00
N PRO A 76 21.86 12.47 9.15
CA PRO A 76 22.03 13.95 9.06
C PRO A 76 20.72 14.67 8.70
N VAL A 77 20.33 15.67 9.51
CA VAL A 77 19.26 16.62 9.10
C VAL A 77 19.88 17.91 8.57
N ASN A 78 20.87 18.45 9.31
CA ASN A 78 21.50 19.74 8.95
C ASN A 78 20.41 20.82 8.87
N THR A 79 20.40 21.69 7.84
CA THR A 79 19.36 22.76 7.74
C THR A 79 17.92 22.21 7.40
N GLY A 80 17.82 20.94 7.07
CA GLY A 80 16.55 20.36 6.75
C GLY A 80 16.59 19.40 5.60
N LEU A 81 15.40 18.90 5.27
CA LEU A 81 15.14 17.88 4.24
C LEU A 81 13.96 18.28 3.40
N PHE A 82 14.11 18.20 2.09
CA PHE A 82 13.06 18.64 1.14
C PHE A 82 12.37 17.45 0.47
N ARG A 83 11.09 17.23 0.84
CA ARG A 83 10.28 16.20 0.20
C ARG A 83 11.03 14.89 0.15
N TRP A 84 11.28 14.35 1.33
CA TRP A 84 12.30 13.32 1.60
C TRP A 84 11.65 12.03 2.06
N VAL A 85 12.16 10.92 1.55
CA VAL A 85 11.63 9.59 1.83
C VAL A 85 12.76 8.81 2.47
N ALA A 86 12.48 8.03 3.52
CA ALA A 86 13.52 7.33 4.29
C ALA A 86 13.97 6.04 3.58
N PRO A 87 15.14 5.49 3.97
CA PRO A 87 15.50 4.21 3.36
C PRO A 87 14.42 3.16 3.65
N ASN A 88 14.35 2.11 2.86
CA ASN A 88 13.39 1.05 3.15
C ASN A 88 13.72 0.45 4.53
N ASN A 89 12.69 -0.07 5.20
CA ASN A 89 12.79 -0.69 6.55
C ASN A 89 13.15 0.27 7.71
N VAL A 90 13.00 1.57 7.49
CA VAL A 90 13.21 2.60 8.53
C VAL A 90 11.82 3.19 8.88
N GLN A 91 11.44 3.12 10.15
CA GLN A 91 10.16 3.67 10.56
C GLN A 91 10.03 3.87 12.07
N GLY A 92 9.12 4.71 12.48
CA GLY A 92 8.90 4.92 13.92
C GLY A 92 9.09 6.38 14.28
N ALA A 93 9.07 6.72 15.57
CA ALA A 93 9.04 8.12 15.96
C ALA A 93 10.36 8.81 15.53
N ILE A 94 10.26 10.04 15.05
CA ILE A 94 11.46 10.86 14.78
C ILE A 94 11.94 11.53 16.07
N THR A 95 13.21 11.31 16.41
CA THR A 95 13.86 12.00 17.52
C THR A 95 14.92 12.89 16.89
N LEU A 96 15.02 14.14 17.33
CA LEU A 96 16.01 15.10 16.84
C LEU A 96 17.11 15.23 17.88
N ILE A 97 18.36 15.16 17.44
CA ILE A 97 19.49 15.16 18.37
C ILE A 97 20.56 16.13 17.90
N TYR A 98 21.16 16.84 18.86
CA TYR A 98 22.35 17.68 18.60
C TYR A 98 23.60 16.80 18.44
N ASN A 99 24.37 17.00 17.37
CA ASN A 99 25.57 16.20 17.16
C ASN A 99 26.74 16.59 18.05
N ASP A 100 27.02 15.77 19.05
CA ASP A 100 28.14 16.00 19.94
C ASP A 100 28.73 14.64 20.32
N VAL A 101 29.77 14.68 21.15
CA VAL A 101 30.39 13.46 21.65
C VAL A 101 29.65 13.00 22.92
N PRO A 102 29.23 11.72 22.98
CA PRO A 102 28.60 11.17 24.18
C PRO A 102 29.35 11.53 25.47
N GLY A 103 28.66 12.14 26.43
CA GLY A 103 29.30 12.52 27.70
C GLY A 103 29.73 13.98 27.79
N THR A 104 29.72 14.66 26.63
CA THR A 104 30.23 16.02 26.53
C THR A 104 29.18 17.14 26.31
N TYR A 105 27.92 16.85 26.61
CA TYR A 105 26.84 17.77 26.33
C TYR A 105 26.63 18.84 27.40
N GLY A 106 27.22 18.63 28.58
CA GLY A 106 27.05 19.58 29.69
C GLY A 106 27.33 21.04 29.38
N ASN A 107 28.35 21.28 28.56
CA ASN A 107 28.75 22.66 28.26
C ASN A 107 28.12 23.30 27.02
N ASN A 108 27.25 22.54 26.35
CA ASN A 108 26.49 23.01 25.18
C ASN A 108 25.45 24.03 25.56
N SER A 109 25.12 24.91 24.60
CA SER A 109 24.14 25.92 24.84
C SER A 109 23.39 26.29 23.55
N GLY A 110 22.20 26.85 23.69
CA GLY A 110 21.41 27.28 22.55
C GLY A 110 20.55 26.12 22.12
N SER A 111 19.85 26.31 21.03
CA SER A 111 18.93 25.30 20.53
C SER A 111 18.59 25.50 19.06
N PHE A 112 18.01 24.49 18.45
CA PHE A 112 17.45 24.59 17.09
C PHE A 112 15.93 24.60 17.05
N SER A 113 15.40 25.52 16.26
CA SER A 113 13.98 25.55 16.04
C SER A 113 13.74 24.71 14.81
N VAL A 114 12.91 23.66 14.92
CA VAL A 114 12.69 22.73 13.83
C VAL A 114 11.19 22.54 13.53
N ASN A 115 10.82 22.55 12.25
CA ASN A 115 9.45 22.18 11.81
C ASN A 115 9.50 20.93 10.95
N ILE A 116 8.57 20.01 11.16
CA ILE A 116 8.47 18.75 10.41
C ILE A 116 7.04 18.51 9.95
N GLY A 117 6.87 18.23 8.66
CA GLY A 117 5.57 18.02 8.04
C GLY A 117 5.56 16.85 7.06
N LYS A 118 4.42 16.17 6.95
CA LYS A 118 4.22 15.12 5.95
C LYS A 118 3.63 15.72 4.70
N ASP A 119 4.10 15.23 3.55
CA ASP A 119 3.85 15.87 2.29
C ASP A 119 2.99 14.99 1.41
N GLN A 120 2.50 15.55 0.31
CA GLN A 120 1.60 14.83 -0.58
C GLN A 120 2.34 13.63 -1.15
N SER A 121 1.64 12.50 -1.22
CA SER A 121 2.32 11.24 -1.47
C SER A 121 1.49 10.31 -2.36
N ALA B 1 9.41 22.13 -7.22
CA ALA B 1 9.47 22.42 -8.68
C ALA B 1 10.62 23.33 -9.12
N TRP B 2 11.35 23.97 -8.19
CA TRP B 2 12.70 24.53 -8.52
C TRP B 2 13.79 23.95 -7.62
N LYS B 3 14.87 23.51 -8.26
CA LYS B 3 16.07 22.99 -7.61
C LYS B 3 17.32 23.46 -8.35
N GLY B 4 18.25 24.06 -7.64
CA GLY B 4 19.55 24.38 -8.22
C GLY B 4 20.45 24.99 -7.16
N GLU B 5 21.34 25.89 -7.58
CA GLU B 5 22.31 26.51 -6.69
C GLU B 5 22.36 28.03 -6.84
N VAL B 6 22.67 28.71 -5.73
CA VAL B 6 22.80 30.17 -5.66
C VAL B 6 24.26 30.56 -5.32
N LEU B 7 24.98 31.10 -6.29
CA LEU B 7 26.39 31.50 -6.12
C LEU B 7 26.54 32.79 -5.32
N ALA B 8 27.53 32.79 -4.42
CA ALA B 8 27.80 33.90 -3.52
C ALA B 8 28.18 35.19 -4.27
N ASN B 9 28.92 35.02 -5.38
CA ASN B 9 29.42 36.12 -6.26
C ASN B 9 28.42 36.64 -7.31
N ASN B 10 27.19 36.12 -7.29
CA ASN B 10 26.10 36.55 -8.21
C ASN B 10 25.24 37.64 -7.59
N GLU B 11 25.70 38.88 -7.81
CA GLU B 11 25.04 40.10 -7.37
C GLU B 11 23.59 40.16 -7.83
N ALA B 12 23.33 39.70 -9.05
CA ALA B 12 22.02 39.90 -9.70
C ALA B 12 20.95 38.90 -9.23
N GLY B 13 21.40 37.88 -8.50
CA GLY B 13 20.53 36.89 -7.90
C GLY B 13 20.29 35.73 -8.84
N GLN B 14 19.59 34.72 -8.33
CA GLN B 14 19.20 33.57 -9.14
C GLN B 14 17.69 33.68 -9.40
N VAL B 15 17.29 33.95 -10.64
CA VAL B 15 15.87 34.03 -10.96
C VAL B 15 15.37 32.60 -11.15
N THR B 16 14.41 32.19 -10.32
CA THR B 16 13.89 30.82 -10.34
C THR B 16 12.64 30.68 -11.23
N SER B 17 12.16 29.44 -11.40
CA SER B 17 10.95 29.19 -12.17
C SER B 17 9.65 29.35 -11.36
N ILE B 18 9.77 29.68 -10.07
CA ILE B 18 8.63 29.84 -9.19
C ILE B 18 8.09 31.24 -9.35
N ILE B 19 6.87 31.38 -9.88
CA ILE B 19 6.14 32.67 -9.79
C ILE B 19 5.26 32.57 -8.55
N TYR B 20 5.51 33.39 -7.53
CA TYR B 20 4.67 33.48 -6.32
C TYR B 20 3.36 34.24 -6.58
N ASN B 21 2.23 33.59 -6.29
CA ASN B 21 0.87 34.17 -6.52
C ASN B 21 0.09 34.32 -5.21
N PRO B 22 -0.79 35.34 -5.13
CA PRO B 22 -1.46 35.52 -3.85
C PRO B 22 -2.06 34.20 -3.32
N GLY B 23 -1.83 33.98 -2.02
CA GLY B 23 -2.31 32.79 -1.34
C GLY B 23 -1.43 31.55 -1.40
N ASP B 24 -0.44 31.56 -2.31
CA ASP B 24 0.52 30.44 -2.44
C ASP B 24 1.22 30.12 -1.10
N VAL B 25 1.29 28.84 -0.78
CA VAL B 25 2.07 28.34 0.36
C VAL B 25 3.34 27.65 -0.19
N ILE B 26 4.52 28.08 0.26
CA ILE B 26 5.75 27.60 -0.35
C ILE B 26 6.74 27.09 0.71
N THR B 27 7.69 26.25 0.28
CA THR B 27 8.73 25.70 1.14
C THR B 27 10.06 25.92 0.44
N ILE B 28 11.03 26.48 1.15
CA ILE B 28 12.40 26.57 0.68
C ILE B 28 13.26 25.79 1.69
N VAL B 29 14.20 25.01 1.17
CA VAL B 29 15.24 24.44 2.02
C VAL B 29 16.60 24.81 1.38
N ALA B 30 17.43 25.58 2.10
CA ALA B 30 18.78 25.94 1.63
C ALA B 30 19.90 25.27 2.43
N ALA B 31 20.93 24.81 1.70
CA ALA B 31 22.05 24.07 2.29
C ALA B 31 23.36 24.56 1.69
N GLY B 32 24.46 24.25 2.36
CA GLY B 32 25.81 24.49 1.80
C GLY B 32 26.65 25.55 2.47
N TRP B 33 27.84 25.77 1.91
CA TRP B 33 28.86 26.65 2.48
C TRP B 33 29.31 27.67 1.46
N ALA B 34 29.24 28.95 1.86
CA ALA B 34 29.59 30.07 1.01
C ALA B 34 30.33 31.14 1.79
N SER B 35 30.92 32.10 1.06
CA SER B 35 31.72 33.19 1.66
C SER B 35 31.55 34.55 0.97
N TYR B 36 31.59 35.62 1.75
CA TYR B 36 31.48 36.98 1.21
C TYR B 36 32.87 37.63 1.14
N GLY B 37 33.92 36.83 1.31
CA GLY B 37 35.28 37.36 1.21
C GLY B 37 36.37 36.50 1.84
N PRO B 38 36.33 36.30 3.18
CA PRO B 38 37.28 35.50 3.95
C PRO B 38 37.47 34.07 3.42
N THR B 39 38.49 33.39 3.95
CA THR B 39 38.79 32.00 3.54
C THR B 39 37.80 31.08 4.24
N GLN B 40 37.22 31.56 5.33
CA GLN B 40 36.25 30.84 6.14
C GLN B 40 34.90 30.86 5.43
N LYS B 41 34.11 29.80 5.62
CA LYS B 41 32.80 29.72 5.03
C LYS B 41 31.66 29.70 6.06
N TRP B 42 30.52 30.25 5.66
CA TRP B 42 29.30 30.27 6.50
C TRP B 42 28.15 29.56 5.79
N GLY B 43 27.11 29.19 6.54
CA GLY B 43 25.92 28.55 5.95
C GLY B 43 24.86 29.57 5.60
N PRO B 44 23.64 29.09 5.23
CA PRO B 44 22.52 29.94 4.75
C PRO B 44 22.07 31.01 5.73
N GLN B 45 22.42 30.85 7.00
CA GLN B 45 22.18 31.88 8.01
C GLN B 45 23.25 32.99 8.05
N GLY B 46 24.36 32.83 7.33
CA GLY B 46 25.40 33.86 7.20
C GLY B 46 26.27 34.02 8.43
N ASP B 47 26.90 35.20 8.56
CA ASP B 47 27.91 35.43 9.59
C ASP B 47 27.38 36.33 10.73
N ARG B 48 27.09 35.70 11.85
CA ARG B 48 26.42 36.38 12.96
C ARG B 48 27.33 37.38 13.67
N GLU B 49 28.62 37.38 13.32
CA GLU B 49 29.62 38.24 13.98
C GLU B 49 29.92 39.52 13.19
N HIS B 50 29.65 39.49 11.88
CA HIS B 50 30.03 40.53 10.94
C HIS B 50 28.99 41.63 10.86
N PRO B 51 29.42 42.90 10.97
CA PRO B 51 28.45 44.00 11.05
C PRO B 51 27.86 44.34 9.68
N ASP B 52 26.77 45.11 9.69
CA ASP B 52 26.11 45.52 8.46
C ASP B 52 26.76 46.81 7.92
N GLN B 53 27.25 46.73 6.69
CA GLN B 53 27.89 47.86 6.04
C GLN B 53 27.12 48.33 4.81
N GLY B 54 25.81 48.08 4.83
CA GLY B 54 24.92 48.37 3.72
C GLY B 54 24.62 47.10 2.93
N LEU B 55 24.20 46.05 3.65
CA LEU B 55 23.73 44.78 3.06
C LEU B 55 22.41 44.99 2.32
N ILE B 56 22.20 44.25 1.23
CA ILE B 56 20.92 44.31 0.51
C ILE B 56 19.75 43.91 1.41
N CYS B 57 20.01 43.09 2.43
CA CYS B 57 18.98 42.78 3.44
C CYS B 57 19.48 43.05 4.84
N HIS B 58 18.91 44.11 5.45
CA HIS B 58 19.21 44.50 6.83
C HIS B 58 18.63 43.56 7.88
N ASP B 59 17.69 42.73 7.48
CA ASP B 59 17.00 41.82 8.38
C ASP B 59 17.70 40.46 8.47
N ALA B 60 18.82 40.29 7.77
CA ALA B 60 19.58 39.04 7.83
C ALA B 60 21.09 39.31 7.90
N PHE B 61 21.86 38.32 8.36
CA PHE B 61 23.33 38.47 8.48
C PHE B 61 24.00 38.52 7.11
N CYS B 62 25.25 38.94 7.09
CA CYS B 62 26.02 39.02 5.86
C CYS B 62 26.38 37.60 5.48
N GLY B 63 26.02 37.19 4.28
CA GLY B 63 26.23 35.85 3.82
C GLY B 63 25.03 34.92 4.01
N ALA B 64 23.91 35.50 4.43
CA ALA B 64 22.65 34.74 4.55
C ALA B 64 21.95 34.65 3.20
N LEU B 65 21.17 33.57 2.99
CA LEU B 65 20.25 33.53 1.84
C LEU B 65 19.08 34.48 2.05
N VAL B 66 18.77 35.26 1.02
CA VAL B 66 17.57 36.10 1.04
C VAL B 66 16.91 35.89 -0.30
N MET B 67 15.78 36.56 -0.50
CA MET B 67 15.03 36.47 -1.74
C MET B 67 14.30 37.77 -2.00
N LYS B 68 13.82 37.91 -3.23
CA LYS B 68 12.83 38.92 -3.56
C LYS B 68 11.71 38.17 -4.25
N ILE B 69 10.51 38.74 -4.18
CA ILE B 69 9.36 38.23 -4.90
C ILE B 69 8.90 39.41 -5.78
N GLY B 70 8.95 39.24 -7.11
CA GLY B 70 8.62 40.33 -8.04
C GLY B 70 9.45 41.60 -7.83
N ASN B 71 8.79 42.73 -7.60
CA ASN B 71 9.45 44.03 -7.43
C ASN B 71 9.75 44.37 -5.96
N SER B 72 9.76 43.37 -5.07
CA SER B 72 9.73 43.63 -3.62
C SER B 72 11.08 43.81 -2.99
N GLY B 73 11.08 44.28 -1.74
CA GLY B 73 12.29 44.35 -0.95
C GLY B 73 12.81 42.95 -0.69
N THR B 74 14.05 42.86 -0.21
CA THR B 74 14.63 41.59 0.21
C THR B 74 13.91 41.01 1.44
N ILE B 75 13.72 39.69 1.41
CA ILE B 75 13.06 38.95 2.47
C ILE B 75 14.04 37.91 2.93
N PRO B 76 14.27 37.77 4.26
CA PRO B 76 15.21 36.74 4.78
C PRO B 76 14.76 35.33 4.41
N VAL B 77 15.69 34.48 4.02
CA VAL B 77 15.35 33.07 3.76
C VAL B 77 16.10 32.18 4.77
N ASN B 78 17.38 32.49 5.00
CA ASN B 78 18.20 31.69 5.91
C ASN B 78 18.14 30.19 5.53
N THR B 79 17.94 29.30 6.50
CA THR B 79 17.99 27.84 6.20
C THR B 79 16.83 27.34 5.35
N GLY B 80 15.76 28.10 5.34
CA GLY B 80 14.67 27.90 4.39
C GLY B 80 13.41 28.43 5.01
N LEU B 81 12.29 28.18 4.35
CA LEU B 81 10.98 28.63 4.84
C LEU B 81 10.04 27.45 4.81
N PHE B 82 9.28 27.28 5.89
CA PHE B 82 8.42 26.09 6.03
C PHE B 82 6.94 26.47 5.93
N ARG B 83 6.32 26.14 4.81
CA ARG B 83 4.90 26.43 4.56
C ARG B 83 4.58 27.89 4.81
N TRP B 84 5.34 28.71 4.10
CA TRP B 84 5.37 30.14 4.25
C TRP B 84 4.38 30.79 3.27
N VAL B 85 3.61 31.75 3.77
CA VAL B 85 2.77 32.59 2.92
C VAL B 85 3.28 34.04 3.05
N ALA B 86 3.43 34.71 1.91
CA ALA B 86 3.90 36.10 1.85
C ALA B 86 3.06 37.14 2.63
N ASN B 89 0.79 42.42 -0.23
CA ASN B 89 0.59 42.39 -1.66
C ASN B 89 1.74 41.71 -2.34
N VAL B 90 2.56 40.91 -1.69
CA VAL B 90 3.78 40.53 -2.44
C VAL B 90 3.50 39.42 -3.46
N GLN B 91 3.86 39.56 -4.65
CA GLN B 91 3.44 38.74 -5.78
C GLN B 91 4.57 38.73 -6.85
N GLY B 92 4.95 37.61 -7.55
CA GLY B 92 5.87 37.58 -8.72
C GLY B 92 6.97 36.53 -8.74
N ALA B 93 7.92 36.65 -9.64
CA ALA B 93 9.03 35.68 -9.71
C ALA B 93 9.97 35.72 -8.49
N ILE B 94 10.33 34.55 -8.00
CA ILE B 94 11.20 34.48 -6.83
C ILE B 94 12.63 34.46 -7.28
N THR B 95 13.37 35.49 -6.88
CA THR B 95 14.81 35.56 -7.08
C THR B 95 15.49 35.32 -5.74
N LEU B 96 16.43 34.38 -5.71
CA LEU B 96 17.25 34.11 -4.53
C LEU B 96 18.55 34.87 -4.61
N ILE B 97 19.00 35.44 -3.50
CA ILE B 97 20.23 36.22 -3.54
C ILE B 97 21.10 36.00 -2.32
N TYR B 98 22.41 36.01 -2.53
CA TYR B 98 23.38 36.05 -1.44
C TYR B 98 23.35 37.42 -0.82
N ASN B 99 23.31 37.47 0.51
CA ASN B 99 23.30 38.72 1.23
C ASN B 99 24.67 39.32 1.41
N ASP B 100 25.01 40.24 0.51
CA ASP B 100 26.23 41.02 0.64
C ASP B 100 25.96 42.51 0.30
N VAL B 101 27.02 43.33 0.27
CA VAL B 101 26.93 44.77 -0.05
C VAL B 101 27.14 45.00 -1.55
N PRO B 102 26.25 45.80 -2.20
CA PRO B 102 26.32 46.15 -3.63
C PRO B 102 27.70 46.62 -4.05
N GLY B 103 28.18 46.13 -5.17
CA GLY B 103 29.52 46.50 -5.62
C GLY B 103 30.64 45.58 -5.13
N THR B 104 30.41 44.90 -3.99
CA THR B 104 31.42 44.04 -3.35
C THR B 104 31.22 42.52 -3.50
N TYR B 105 30.56 42.07 -4.56
CA TYR B 105 30.29 40.64 -4.71
C TYR B 105 31.46 39.93 -5.34
N GLY B 106 32.33 40.70 -5.99
CA GLY B 106 33.43 40.16 -6.78
C GLY B 106 34.32 39.14 -6.08
N ASN B 107 34.50 39.28 -4.77
CA ASN B 107 35.38 38.40 -4.00
C ASN B 107 34.66 37.29 -3.21
N ASN B 108 33.36 37.11 -3.46
CA ASN B 108 32.59 36.03 -2.83
C ASN B 108 32.93 34.70 -3.49
N SER B 109 32.60 33.59 -2.80
CA SER B 109 32.90 32.23 -3.26
C SER B 109 31.94 31.19 -2.69
N GLY B 110 31.83 30.06 -3.35
CA GLY B 110 30.89 29.01 -2.94
C GLY B 110 29.45 29.28 -3.34
N SER B 111 28.54 28.45 -2.83
CA SER B 111 27.15 28.53 -3.18
C SER B 111 26.27 27.81 -2.15
N PHE B 112 24.98 28.14 -2.16
CA PHE B 112 23.98 27.38 -1.41
C PHE B 112 23.17 26.46 -2.38
N SER B 113 22.86 25.25 -1.93
CA SER B 113 21.86 24.40 -2.61
C SER B 113 20.51 24.80 -2.15
N VAL B 114 19.57 24.92 -3.10
CA VAL B 114 18.21 25.36 -2.76
C VAL B 114 17.11 24.58 -3.49
N ASN B 115 16.13 24.12 -2.70
CA ASN B 115 14.88 23.53 -3.19
C ASN B 115 13.73 24.49 -2.84
N ILE B 116 12.88 24.77 -3.83
CA ILE B 116 11.60 25.48 -3.67
C ILE B 116 10.44 24.66 -4.26
N GLY B 117 9.35 24.56 -3.50
CA GLY B 117 8.11 24.00 -3.98
C GLY B 117 6.90 24.81 -3.53
N LYS B 118 5.78 24.59 -4.22
CA LYS B 118 4.49 25.06 -3.73
C LYS B 118 3.82 23.90 -3.01
N ASP B 119 3.12 24.22 -1.93
CA ASP B 119 2.52 23.23 -1.07
C ASP B 119 1.01 23.29 -1.23
N GLN B 120 0.32 22.37 -0.54
CA GLN B 120 -1.14 22.42 -0.45
C GLN B 120 -1.62 23.67 0.27
N SER B 121 -2.64 24.25 -0.32
CA SER B 121 -3.43 25.30 0.28
C SER B 121 -4.82 25.16 -0.33
N ALA C 1 -7.88 27.38 0.06
CA ALA C 1 -8.97 26.42 -0.25
C ALA C 1 -10.33 27.05 -0.06
N TRP C 2 -11.32 26.56 -0.78
CA TRP C 2 -12.65 27.15 -0.75
C TRP C 2 -13.63 26.03 -0.50
N LYS C 3 -14.77 26.33 0.10
CA LYS C 3 -15.84 25.37 0.32
C LYS C 3 -17.12 26.18 0.27
N GLY C 4 -18.14 25.67 -0.41
CA GLY C 4 -19.44 26.35 -0.47
C GLY C 4 -20.42 25.56 -1.30
N GLU C 5 -21.60 26.14 -1.53
CA GLU C 5 -22.66 25.47 -2.32
C GLU C 5 -22.86 26.04 -3.72
N VAL C 6 -23.18 25.18 -4.66
CA VAL C 6 -23.54 25.59 -6.01
C VAL C 6 -24.99 25.19 -6.23
N LEU C 7 -25.89 26.18 -6.34
CA LEU C 7 -27.31 25.90 -6.55
C LEU C 7 -27.59 25.57 -8.01
N ALA C 8 -28.41 24.55 -8.24
CA ALA C 8 -28.76 24.08 -9.58
C ALA C 8 -29.54 25.14 -10.38
N ASN C 9 -30.26 25.99 -9.67
CA ASN C 9 -31.02 27.06 -10.32
C ASN C 9 -30.28 28.40 -10.47
N ASN C 10 -28.98 28.43 -10.18
CA ASN C 10 -28.16 29.66 -10.33
C ASN C 10 -27.50 29.66 -11.70
N GLU C 11 -28.12 30.36 -12.66
CA GLU C 11 -27.65 30.35 -14.06
C GLU C 11 -26.23 30.91 -14.28
N ALA C 12 -25.91 31.99 -13.55
CA ALA C 12 -24.60 32.66 -13.63
C ALA C 12 -23.48 31.93 -12.85
N GLY C 13 -23.84 30.86 -12.15
CA GLY C 13 -22.86 30.04 -11.48
C GLY C 13 -22.43 30.61 -10.15
N GLN C 14 -21.71 29.80 -9.36
CA GLN C 14 -21.09 30.30 -8.10
C GLN C 14 -19.62 30.69 -8.26
N VAL C 15 -19.34 31.97 -8.05
CA VAL C 15 -17.97 32.53 -7.99
C VAL C 15 -17.25 32.04 -6.74
N THR C 16 -16.11 31.38 -6.93
CA THR C 16 -15.29 30.96 -5.78
C THR C 16 -14.15 31.96 -5.55
N SER C 17 -13.42 31.78 -4.45
CA SER C 17 -12.25 32.59 -4.13
C SER C 17 -10.94 31.99 -4.63
N ILE C 18 -11.01 30.94 -5.44
CA ILE C 18 -9.82 30.33 -6.03
C ILE C 18 -9.52 31.01 -7.35
N ILE C 19 -8.29 31.51 -7.49
CA ILE C 19 -7.75 32.05 -8.75
C ILE C 19 -6.80 30.99 -9.31
N TYR C 20 -7.19 30.34 -10.40
CA TYR C 20 -6.28 29.36 -11.00
C TYR C 20 -5.20 30.10 -11.80
N ASN C 21 -3.95 29.88 -11.43
CA ASN C 21 -2.81 30.57 -12.01
C ASN C 21 -2.00 29.52 -12.72
N PRO C 22 -1.15 29.91 -13.70
CA PRO C 22 -0.39 28.94 -14.49
C PRO C 22 0.39 27.92 -13.63
N GLY C 23 0.33 26.64 -14.00
CA GLY C 23 0.99 25.59 -13.24
C GLY C 23 0.30 25.00 -12.00
N ASP C 24 -0.75 25.65 -11.47
CA ASP C 24 -1.50 25.15 -10.29
C ASP C 24 -2.05 23.74 -10.47
N VAL C 25 -1.83 22.90 -9.45
CA VAL C 25 -2.44 21.59 -9.37
C VAL C 25 -3.57 21.76 -8.36
N ILE C 26 -4.78 21.39 -8.76
CA ILE C 26 -5.95 21.54 -7.89
C ILE C 26 -6.72 20.24 -7.71
N THR C 27 -7.46 20.20 -6.60
CA THR C 27 -8.35 19.08 -6.28
C THR C 27 -9.73 19.66 -6.01
N ILE C 28 -10.73 19.12 -6.68
CA ILE C 28 -12.13 19.44 -6.41
C ILE C 28 -12.84 18.16 -5.97
N VAL C 29 -13.64 18.23 -4.89
CA VAL C 29 -14.57 17.14 -4.52
C VAL C 29 -15.94 17.79 -4.40
N ALA C 30 -16.93 17.20 -5.06
CA ALA C 30 -18.34 17.65 -5.04
C ALA C 30 -19.28 16.52 -4.60
N ALA C 31 -20.35 16.87 -3.90
CA ALA C 31 -21.33 15.93 -3.37
C ALA C 31 -22.70 16.59 -3.38
N GLY C 32 -23.76 15.81 -3.17
CA GLY C 32 -25.10 16.40 -3.11
C GLY C 32 -26.02 16.05 -4.26
N TRP C 33 -27.20 16.66 -4.28
CA TRP C 33 -28.35 16.19 -5.07
C TRP C 33 -29.05 17.37 -5.71
N ALA C 34 -29.38 17.23 -6.99
CA ALA C 34 -29.95 18.33 -7.77
C ALA C 34 -30.74 17.77 -8.95
N SER C 35 -31.69 18.57 -9.43
CA SER C 35 -32.44 18.26 -10.66
C SER C 35 -32.51 19.46 -11.60
N TYR C 36 -32.65 19.16 -12.89
CA TYR C 36 -32.80 20.15 -13.95
C TYR C 36 -34.30 20.38 -14.27
N GLY C 37 -35.16 19.73 -13.49
CA GLY C 37 -36.60 19.88 -13.68
C GLY C 37 -37.45 18.74 -13.12
N PRO C 38 -37.10 17.47 -13.47
CA PRO C 38 -37.80 16.33 -12.93
C PRO C 38 -37.82 16.27 -11.40
N THR C 39 -38.67 15.41 -10.86
CA THR C 39 -38.75 15.27 -9.42
C THR C 39 -37.51 14.46 -8.95
N GLN C 40 -37.11 13.45 -9.73
CA GLN C 40 -35.85 12.76 -9.46
C GLN C 40 -34.67 13.76 -9.34
N LYS C 41 -33.76 13.49 -8.41
CA LYS C 41 -32.50 14.20 -8.34
C LYS C 41 -31.32 13.31 -8.74
N TRP C 42 -30.30 13.95 -9.30
CA TRP C 42 -29.06 13.29 -9.64
C TRP C 42 -27.91 13.90 -8.85
N GLY C 43 -26.82 13.17 -8.74
CA GLY C 43 -25.59 13.71 -8.14
C GLY C 43 -24.68 14.45 -9.12
N PRO C 44 -23.46 14.80 -8.68
CA PRO C 44 -22.61 15.73 -9.48
C PRO C 44 -22.22 15.30 -10.93
N GLN C 45 -22.43 14.03 -11.30
CA GLN C 45 -22.21 13.57 -12.70
C GLN C 45 -23.47 13.80 -13.60
N GLY C 46 -24.61 14.09 -12.99
CA GLY C 46 -25.85 14.33 -13.76
C GLY C 46 -26.62 13.11 -14.24
N ASP C 47 -27.28 13.29 -15.36
CA ASP C 47 -28.18 12.28 -15.91
C ASP C 47 -27.53 11.72 -17.16
N ARG C 48 -26.94 10.54 -17.04
CA ARG C 48 -26.33 9.88 -18.18
C ARG C 48 -27.36 9.64 -19.29
N GLU C 49 -28.64 9.54 -18.90
CA GLU C 49 -29.71 9.20 -19.84
C GLU C 49 -30.38 10.36 -20.56
N HIS C 50 -30.13 11.60 -20.13
CA HIS C 50 -30.71 12.77 -20.77
C HIS C 50 -29.96 13.22 -22.05
N PRO C 51 -30.74 13.58 -23.09
CA PRO C 51 -30.11 14.15 -24.29
C PRO C 51 -29.61 15.59 -24.07
N ASP C 52 -28.57 15.97 -24.82
CA ASP C 52 -27.96 17.30 -24.77
C ASP C 52 -28.70 18.21 -25.74
N GLN C 53 -29.47 19.15 -25.18
CA GLN C 53 -30.34 19.99 -25.99
C GLN C 53 -29.90 21.43 -26.03
N GLY C 54 -28.58 21.62 -26.14
CA GLY C 54 -27.98 22.96 -26.05
C GLY C 54 -27.39 23.26 -24.68
N LEU C 55 -26.77 22.25 -24.04
CA LEU C 55 -26.15 22.44 -22.71
C LEU C 55 -24.97 23.40 -22.75
N ILE C 56 -24.78 24.17 -21.68
CA ILE C 56 -23.57 25.00 -21.56
C ILE C 56 -22.27 24.19 -21.52
N CYS C 57 -22.34 22.90 -21.17
CA CYS C 57 -21.18 22.02 -21.37
C CYS C 57 -21.48 20.73 -22.14
N HIS C 58 -20.95 20.62 -23.36
CA HIS C 58 -21.26 19.49 -24.22
C HIS C 58 -20.48 18.22 -23.87
N ASP C 59 -19.43 18.37 -23.06
CA ASP C 59 -18.61 17.24 -22.60
C ASP C 59 -19.01 16.74 -21.21
N ALA C 60 -20.21 17.10 -20.76
CA ALA C 60 -20.76 16.57 -19.51
C ALA C 60 -22.24 16.45 -19.70
N PHE C 61 -22.82 15.48 -18.97
CA PHE C 61 -24.26 15.25 -18.90
C PHE C 61 -25.07 16.39 -18.25
N CYS C 62 -26.36 16.42 -18.57
CA CYS C 62 -27.31 17.31 -17.96
C CYS C 62 -27.38 17.13 -16.43
N GLY C 63 -27.20 18.24 -15.70
CA GLY C 63 -27.27 18.21 -14.22
C GLY C 63 -25.95 17.85 -13.56
N ALA C 64 -24.89 17.89 -14.36
CA ALA C 64 -23.54 17.67 -13.93
C ALA C 64 -22.95 19.00 -13.47
N LEU C 65 -21.94 18.94 -12.62
CA LEU C 65 -21.24 20.12 -12.22
C LEU C 65 -20.06 20.33 -13.19
N VAL C 66 -19.94 21.58 -13.64
CA VAL C 66 -18.93 22.03 -14.55
C VAL C 66 -18.38 23.35 -13.98
N MET C 67 -17.36 23.89 -14.63
CA MET C 67 -16.73 25.12 -14.17
C MET C 67 -16.23 25.94 -15.34
N LYS C 68 -15.96 27.21 -15.03
CA LYS C 68 -15.18 28.13 -15.89
C LYS C 68 -14.03 28.66 -15.08
N ILE C 69 -12.87 28.78 -15.72
CA ILE C 69 -11.70 29.38 -15.10
C ILE C 69 -11.38 30.66 -15.86
N GLY C 70 -11.57 31.80 -15.15
CA GLY C 70 -11.55 33.12 -15.73
C GLY C 70 -12.64 33.18 -16.76
N ASN C 71 -12.23 33.31 -18.02
CA ASN C 71 -13.15 33.20 -19.13
C ASN C 71 -12.70 32.01 -19.97
N SER C 72 -12.82 30.84 -19.37
CA SER C 72 -12.66 29.56 -20.05
C SER C 72 -13.91 29.27 -20.86
N GLY C 73 -13.85 28.24 -21.69
CA GLY C 73 -15.07 27.54 -22.02
C GLY C 73 -15.47 26.76 -20.77
N THR C 74 -16.65 26.15 -20.80
CA THR C 74 -17.02 25.23 -19.72
C THR C 74 -16.11 23.98 -19.71
N ILE C 75 -15.75 23.56 -18.49
CA ILE C 75 -14.88 22.42 -18.22
C ILE C 75 -15.65 21.48 -17.29
N PRO C 76 -15.71 20.17 -17.61
CA PRO C 76 -16.43 19.25 -16.68
C PRO C 76 -15.74 19.10 -15.31
N VAL C 77 -16.54 19.02 -14.25
CA VAL C 77 -16.03 18.80 -12.88
C VAL C 77 -16.58 17.48 -12.35
N ASN C 78 -17.86 17.23 -12.54
CA ASN C 78 -18.51 16.00 -12.06
C ASN C 78 -18.28 15.77 -10.55
N THR C 79 -18.01 14.54 -10.11
CA THR C 79 -17.78 14.24 -8.71
C THR C 79 -16.52 14.94 -8.20
N GLY C 80 -15.73 15.50 -9.11
CA GLY C 80 -14.48 16.18 -8.75
C GLY C 80 -13.34 15.90 -9.69
N LEU C 81 -12.23 16.58 -9.40
CA LEU C 81 -10.97 16.49 -10.14
C LEU C 81 -9.81 16.22 -9.16
N PHE C 82 -9.07 15.15 -9.42
CA PHE C 82 -8.02 14.68 -8.55
C PHE C 82 -6.66 15.10 -9.08
N ARG C 83 -5.99 16.00 -8.34
CA ARG C 83 -4.64 16.47 -8.70
C ARG C 83 -4.53 16.87 -10.19
N TRP C 84 -5.35 17.85 -10.57
CA TRP C 84 -5.64 18.21 -11.98
C TRP C 84 -5.03 19.56 -12.36
N VAL C 85 -4.47 19.58 -13.57
CA VAL C 85 -3.85 20.77 -14.12
C VAL C 85 -4.65 21.22 -15.35
N ALA C 86 -4.91 22.53 -15.44
CA ALA C 86 -5.77 23.09 -16.50
C ALA C 86 -5.21 22.94 -17.92
N PRO C 87 -6.07 23.15 -18.94
CA PRO C 87 -5.58 23.17 -20.32
C PRO C 87 -4.73 24.40 -20.54
N ASN C 88 -4.16 24.54 -21.73
CA ASN C 88 -3.20 25.61 -21.93
C ASN C 88 -3.82 27.01 -21.89
N ASN C 89 -3.18 27.90 -21.15
CA ASN C 89 -3.58 29.30 -21.05
C ASN C 89 -4.83 29.58 -20.25
N VAL C 90 -5.27 28.59 -19.49
CA VAL C 90 -6.51 28.73 -18.72
C VAL C 90 -6.17 29.35 -17.37
N GLN C 91 -6.75 30.50 -17.08
CA GLN C 91 -6.27 31.37 -16.01
C GLN C 91 -7.44 32.18 -15.46
N GLY C 92 -7.47 32.43 -14.15
CA GLY C 92 -8.50 33.24 -13.49
C GLY C 92 -9.34 32.59 -12.39
N ALA C 93 -10.30 33.34 -11.86
CA ALA C 93 -11.22 32.84 -10.87
C ALA C 93 -12.02 31.61 -11.35
N ILE C 94 -12.18 30.62 -10.46
CA ILE C 94 -13.06 29.48 -10.69
C ILE C 94 -14.51 29.89 -10.38
N THR C 95 -15.36 29.68 -11.40
CA THR C 95 -16.81 29.76 -11.28
C THR C 95 -17.40 28.39 -11.54
N LEU C 96 -18.14 27.87 -10.57
CA LEU C 96 -18.79 26.57 -10.61
C LEU C 96 -20.24 26.75 -11.08
N ILE C 97 -20.70 25.86 -11.95
CA ILE C 97 -21.99 26.07 -12.62
C ILE C 97 -22.71 24.75 -12.84
N TYR C 98 -24.02 24.78 -12.64
CA TYR C 98 -24.86 23.65 -12.95
C TYR C 98 -25.00 23.55 -14.47
N ASN C 99 -24.91 22.32 -14.98
CA ASN C 99 -24.97 22.09 -16.39
C ASN C 99 -26.43 21.85 -16.85
N ASP C 100 -26.98 22.89 -17.47
CA ASP C 100 -28.32 22.90 -18.07
C ASP C 100 -28.26 23.68 -19.40
N VAL C 101 -29.39 23.73 -20.09
CA VAL C 101 -29.62 24.57 -21.26
C VAL C 101 -29.80 26.04 -20.80
N PRO C 102 -29.15 27.01 -21.48
CA PRO C 102 -29.44 28.44 -21.21
C PRO C 102 -30.92 28.81 -21.25
N GLY C 103 -31.35 29.63 -20.30
CA GLY C 103 -32.74 30.11 -20.24
C GLY C 103 -33.69 29.19 -19.49
N THR C 104 -33.20 28.01 -19.10
CA THR C 104 -34.06 26.96 -18.52
C THR C 104 -33.71 26.57 -17.09
N TYR C 105 -33.06 27.46 -16.37
CA TYR C 105 -32.63 27.21 -14.99
C TYR C 105 -33.76 27.39 -13.94
N GLY C 106 -34.88 27.98 -14.41
CA GLY C 106 -35.96 28.44 -13.52
C GLY C 106 -36.53 27.35 -12.65
N ASN C 107 -36.64 26.16 -13.24
CA ASN C 107 -37.23 24.99 -12.61
C ASN C 107 -36.21 23.96 -12.03
N ASN C 108 -34.93 24.31 -11.94
CA ASN C 108 -33.97 23.44 -11.28
C ASN C 108 -34.15 23.49 -9.77
N SER C 109 -33.70 22.43 -9.08
CA SER C 109 -33.57 22.45 -7.62
C SER C 109 -32.39 21.60 -7.19
N GLY C 110 -32.04 21.70 -5.90
CA GLY C 110 -30.89 21.02 -5.36
C GLY C 110 -29.64 21.89 -5.40
N SER C 111 -28.52 21.30 -4.98
CA SER C 111 -27.28 22.02 -4.91
C SER C 111 -26.18 21.02 -4.62
N PHE C 112 -24.95 21.36 -5.00
CA PHE C 112 -23.80 20.53 -4.67
C PHE C 112 -22.93 21.23 -3.65
N SER C 113 -22.34 20.45 -2.74
CA SER C 113 -21.34 20.93 -1.77
C SER C 113 -20.01 20.73 -2.38
N VAL C 114 -19.20 21.80 -2.48
CA VAL C 114 -17.93 21.70 -3.23
C VAL C 114 -16.72 22.21 -2.40
N ASN C 115 -15.63 21.45 -2.46
CA ASN C 115 -14.36 21.82 -1.85
C ASN C 115 -13.34 21.94 -2.94
N ILE C 116 -12.56 23.01 -2.91
CA ILE C 116 -11.48 23.24 -3.88
C ILE C 116 -10.24 23.63 -3.12
N GLY C 117 -9.15 22.94 -3.41
CA GLY C 117 -7.84 23.28 -2.86
C GLY C 117 -6.72 23.20 -3.88
N LYS C 118 -5.62 23.89 -3.61
CA LYS C 118 -4.41 23.75 -4.38
C LYS C 118 -3.45 22.72 -3.78
N ASP C 119 -2.82 21.94 -4.67
CA ASP C 119 -1.91 20.86 -4.29
C ASP C 119 -0.45 21.17 -4.53
N GLN C 120 0.36 20.18 -4.19
CA GLN C 120 1.80 20.28 -4.24
C GLN C 120 2.33 20.23 -5.67
N SER C 121 3.19 21.18 -6.00
CA SER C 121 3.87 21.18 -7.29
C SER C 121 5.30 21.74 -7.18
N ALA D 1 -0.06 7.38 -4.34
CA ALA D 1 -1.50 7.41 -4.74
C ALA D 1 -1.90 6.08 -5.38
N TRP D 2 -3.17 5.70 -5.25
CA TRP D 2 -3.74 4.49 -5.88
C TRP D 2 -4.85 4.92 -6.85
N LYS D 3 -4.97 4.21 -7.97
CA LYS D 3 -6.04 4.46 -8.93
C LYS D 3 -6.54 3.12 -9.47
N GLY D 4 -7.84 2.89 -9.40
CA GLY D 4 -8.39 1.64 -9.89
C GLY D 4 -9.89 1.57 -9.77
N GLU D 5 -10.40 0.34 -9.76
CA GLU D 5 -11.85 0.06 -9.84
C GLU D 5 -12.38 -0.85 -8.76
N VAL D 6 -13.63 -0.60 -8.37
CA VAL D 6 -14.39 -1.48 -7.47
C VAL D 6 -15.66 -1.85 -8.20
N LEU D 7 -15.95 -3.15 -8.29
CA LEU D 7 -17.15 -3.66 -8.90
C LEU D 7 -18.38 -3.63 -7.97
N ALA D 8 -19.56 -3.46 -8.52
CA ALA D 8 -20.78 -3.44 -7.71
C ALA D 8 -21.20 -4.82 -7.20
N ASN D 9 -20.73 -5.87 -7.88
CA ASN D 9 -21.05 -7.24 -7.56
C ASN D 9 -20.06 -7.93 -6.60
N ASN D 10 -19.03 -7.23 -6.16
CA ASN D 10 -18.05 -7.84 -5.25
C ASN D 10 -18.24 -7.51 -3.76
N GLU D 11 -18.72 -8.51 -2.99
CA GLU D 11 -18.94 -8.38 -1.55
C GLU D 11 -17.63 -8.20 -0.80
N ALA D 12 -16.55 -8.74 -1.38
CA ALA D 12 -15.23 -8.62 -0.78
C ALA D 12 -14.62 -7.23 -1.02
N GLY D 13 -15.15 -6.47 -1.97
CA GLY D 13 -14.57 -5.18 -2.35
C GLY D 13 -13.22 -5.26 -3.04
N GLN D 14 -12.60 -4.11 -3.23
CA GLN D 14 -11.28 -3.98 -3.85
C GLN D 14 -10.28 -3.51 -2.79
N VAL D 15 -9.24 -4.32 -2.49
CA VAL D 15 -8.16 -3.97 -1.57
C VAL D 15 -7.14 -3.04 -2.27
N THR D 16 -6.97 -1.83 -1.77
CA THR D 16 -6.01 -0.91 -2.35
C THR D 16 -4.66 -1.00 -1.65
N SER D 17 -3.66 -0.38 -2.27
CA SER D 17 -2.29 -0.34 -1.78
C SER D 17 -2.05 0.85 -0.81
N ILE D 18 -3.11 1.58 -0.46
CA ILE D 18 -3.01 2.62 0.55
C ILE D 18 -3.23 1.98 1.92
N ILE D 19 -2.20 2.06 2.75
CA ILE D 19 -2.31 1.76 4.17
C ILE D 19 -2.55 3.09 4.88
N TYR D 20 -3.73 3.28 5.47
CA TYR D 20 -4.05 4.50 6.22
C TYR D 20 -3.41 4.44 7.62
N ASN D 21 -2.68 5.49 8.02
CA ASN D 21 -1.96 5.48 9.30
C ASN D 21 -2.48 6.58 10.22
N PRO D 22 -2.41 6.38 11.54
CA PRO D 22 -2.89 7.49 12.41
C PRO D 22 -2.43 8.88 11.95
N GLY D 23 -3.34 9.82 11.84
CA GLY D 23 -2.95 11.20 11.51
C GLY D 23 -2.95 11.56 10.04
N ASP D 24 -3.06 10.55 9.16
CA ASP D 24 -3.01 10.77 7.71
C ASP D 24 -4.21 11.59 7.27
N VAL D 25 -3.93 12.54 6.36
CA VAL D 25 -4.92 13.32 5.64
C VAL D 25 -4.96 12.72 4.24
N ILE D 26 -6.18 12.36 3.80
CA ILE D 26 -6.37 11.73 2.49
C ILE D 26 -7.48 12.41 1.70
N THR D 27 -7.39 12.25 0.38
CA THR D 27 -8.39 12.70 -0.56
C THR D 27 -8.79 11.45 -1.35
N ILE D 28 -10.09 11.32 -1.60
CA ILE D 28 -10.62 10.31 -2.49
C ILE D 28 -11.59 11.00 -3.45
N VAL D 29 -11.47 10.67 -4.72
CA VAL D 29 -12.44 11.08 -5.73
C VAL D 29 -12.92 9.81 -6.42
N ALA D 30 -14.24 9.65 -6.50
CA ALA D 30 -14.90 8.48 -7.14
C ALA D 30 -15.91 8.90 -8.19
N ALA D 31 -15.96 8.15 -9.28
CA ALA D 31 -16.89 8.39 -10.36
C ALA D 31 -17.37 7.04 -10.85
N GLY D 32 -18.42 7.06 -11.68
CA GLY D 32 -18.91 5.87 -12.37
C GLY D 32 -20.37 5.58 -12.10
N TRP D 33 -20.85 4.49 -12.68
CA TRP D 33 -22.27 4.16 -12.61
C TRP D 33 -22.40 2.69 -12.26
N ALA D 34 -23.30 2.41 -11.33
CA ALA D 34 -23.49 1.07 -10.84
C ALA D 34 -24.94 0.88 -10.42
N SER D 35 -25.38 -0.38 -10.40
CA SER D 35 -26.74 -0.75 -9.96
C SER D 35 -26.76 -1.87 -8.91
N TYR D 36 -27.63 -1.73 -7.91
CA TYR D 36 -27.88 -2.86 -6.97
C TYR D 36 -29.01 -3.80 -7.42
N GLY D 37 -29.43 -3.70 -8.67
CA GLY D 37 -30.55 -4.51 -9.14
C GLY D 37 -31.38 -3.96 -10.29
N PRO D 38 -31.99 -2.78 -10.12
CA PRO D 38 -32.77 -2.12 -11.19
C PRO D 38 -32.00 -1.83 -12.50
N THR D 39 -32.73 -1.59 -13.59
CA THR D 39 -32.18 -1.21 -14.88
C THR D 39 -31.53 0.17 -14.81
N GLN D 40 -32.04 1.07 -13.97
CA GLN D 40 -31.37 2.35 -13.61
C GLN D 40 -29.95 2.15 -13.06
N LYS D 41 -29.15 3.21 -13.15
CA LYS D 41 -27.82 3.24 -12.56
C LYS D 41 -27.68 4.47 -11.70
N TRP D 42 -26.93 4.36 -10.62
CA TRP D 42 -26.65 5.51 -9.74
C TRP D 42 -25.14 5.71 -9.62
N GLY D 43 -24.75 6.95 -9.40
CA GLY D 43 -23.38 7.30 -9.10
C GLY D 43 -22.98 6.95 -7.66
N PRO D 44 -21.75 7.35 -7.27
CA PRO D 44 -21.22 6.83 -6.04
C PRO D 44 -22.00 7.14 -4.74
N GLN D 45 -23.04 7.97 -4.80
CA GLN D 45 -23.85 8.26 -3.58
C GLN D 45 -25.03 7.28 -3.42
N GLY D 46 -25.24 6.45 -4.43
CA GLY D 46 -26.27 5.44 -4.38
C GLY D 46 -27.63 6.00 -4.70
N ASP D 47 -28.63 5.24 -4.26
CA ASP D 47 -30.04 5.53 -4.51
C ASP D 47 -30.68 6.19 -3.29
N ARG D 48 -31.07 7.44 -3.46
CA ARG D 48 -31.52 8.27 -2.37
C ARG D 48 -32.89 7.82 -1.82
N GLU D 49 -33.62 7.11 -2.66
CA GLU D 49 -35.01 6.75 -2.42
C GLU D 49 -35.15 5.34 -1.80
N HIS D 50 -34.05 4.58 -1.81
CA HIS D 50 -34.10 3.17 -1.45
C HIS D 50 -33.92 2.98 0.06
N PRO D 51 -34.80 2.18 0.69
CA PRO D 51 -34.63 1.96 2.12
C PRO D 51 -33.45 1.04 2.48
N ASP D 52 -32.90 1.21 3.67
CA ASP D 52 -31.88 0.31 4.25
C ASP D 52 -32.53 -1.01 4.68
N GLN D 53 -32.25 -2.07 3.93
CA GLN D 53 -32.82 -3.38 4.17
C GLN D 53 -31.71 -4.32 4.66
N GLY D 54 -30.71 -3.71 5.30
CA GLY D 54 -29.65 -4.44 5.96
C GLY D 54 -28.29 -4.18 5.36
N LEU D 55 -28.03 -2.92 5.04
CA LEU D 55 -26.85 -2.52 4.27
C LEU D 55 -25.56 -2.71 5.07
N ILE D 56 -24.48 -3.06 4.39
CA ILE D 56 -23.16 -3.15 5.04
C ILE D 56 -22.69 -1.79 5.63
N CYS D 57 -23.39 -0.72 5.29
CA CYS D 57 -23.15 0.59 5.87
C CYS D 57 -24.49 1.29 6.06
N HIS D 58 -24.83 1.57 7.31
CA HIS D 58 -26.11 2.21 7.55
C HIS D 58 -26.06 3.74 7.35
N ASP D 59 -24.86 4.29 7.20
CA ASP D 59 -24.68 5.74 7.08
C ASP D 59 -24.52 6.18 5.64
N ALA D 60 -24.93 5.33 4.71
CA ALA D 60 -24.86 5.62 3.29
C ALA D 60 -26.06 4.97 2.62
N PHE D 61 -26.47 5.52 1.47
CA PHE D 61 -27.55 4.92 0.68
C PHE D 61 -27.14 3.58 0.07
N CYS D 62 -28.12 2.77 -0.29
CA CYS D 62 -27.89 1.55 -1.04
C CYS D 62 -27.34 1.95 -2.44
N GLY D 63 -26.25 1.31 -2.87
CA GLY D 63 -25.55 1.71 -4.09
C GLY D 63 -24.38 2.69 -3.94
N ALA D 64 -24.08 3.09 -2.70
CA ALA D 64 -23.05 4.05 -2.41
C ALA D 64 -21.72 3.34 -2.32
N LEU D 65 -20.64 4.14 -2.43
CA LEU D 65 -19.29 3.66 -2.27
C LEU D 65 -18.92 3.88 -0.81
N VAL D 66 -18.41 2.82 -0.19
CA VAL D 66 -18.00 2.85 1.21
C VAL D 66 -16.64 2.22 1.30
N MET D 67 -16.05 2.20 2.50
CA MET D 67 -14.72 1.62 2.68
C MET D 67 -14.50 1.08 4.10
N LYS D 68 -13.51 0.19 4.24
CA LYS D 68 -13.00 -0.20 5.55
C LYS D 68 -11.54 0.20 5.59
N ILE D 69 -11.03 0.58 6.75
CA ILE D 69 -9.60 0.79 6.94
C ILE D 69 -9.13 -0.34 7.86
N GLY D 70 -8.28 -1.23 7.37
CA GLY D 70 -8.00 -2.43 8.10
C GLY D 70 -9.29 -3.18 8.39
N ASN D 71 -9.51 -3.48 9.66
CA ASN D 71 -10.68 -4.23 10.12
C ASN D 71 -11.72 -3.35 10.76
N SER D 72 -11.72 -2.06 10.41
CA SER D 72 -12.76 -1.14 10.86
C SER D 72 -14.17 -1.55 10.37
N GLY D 73 -15.17 -0.85 10.91
CA GLY D 73 -16.50 -0.84 10.34
C GLY D 73 -16.52 0.00 9.08
N THR D 74 -17.64 0.00 8.38
CA THR D 74 -17.76 0.65 7.06
C THR D 74 -17.80 2.14 7.25
N ILE D 75 -17.14 2.85 6.34
CA ILE D 75 -17.02 4.30 6.40
C ILE D 75 -17.58 4.80 5.07
N PRO D 76 -18.50 5.81 5.10
CA PRO D 76 -18.99 6.30 3.80
C PRO D 76 -17.92 7.05 3.00
N VAL D 77 -17.83 6.80 1.71
CA VAL D 77 -16.97 7.56 0.80
C VAL D 77 -17.85 8.32 -0.16
N ASN D 78 -18.84 7.67 -0.76
CA ASN D 78 -19.77 8.38 -1.67
C ASN D 78 -18.99 8.96 -2.90
N THR D 79 -19.11 10.26 -3.19
CA THR D 79 -18.36 10.86 -4.33
C THR D 79 -16.87 11.16 -4.05
N GLY D 80 -16.48 11.13 -2.78
CA GLY D 80 -15.10 11.27 -2.42
C GLY D 80 -14.96 11.92 -1.07
N LEU D 81 -13.73 11.93 -0.57
CA LEU D 81 -13.35 12.61 0.68
C LEU D 81 -12.29 13.66 0.37
N PHE D 82 -12.41 14.82 1.01
CA PHE D 82 -11.55 15.95 0.71
C PHE D 82 -10.72 16.29 1.92
N ARG D 83 -9.43 15.97 1.86
CA ARG D 83 -8.46 16.24 2.91
C ARG D 83 -8.99 15.74 4.24
N TRP D 84 -9.32 14.45 4.25
CA TRP D 84 -10.03 13.78 5.35
C TRP D 84 -9.09 13.02 6.33
N VAL D 85 -9.34 13.20 7.62
CA VAL D 85 -8.66 12.47 8.66
C VAL D 85 -9.71 11.58 9.31
N ALA D 86 -9.32 10.37 9.68
CA ALA D 86 -10.26 9.42 10.27
C ALA D 86 -10.78 9.93 11.63
N PRO D 87 -12.10 9.84 11.85
CA PRO D 87 -12.73 10.33 13.09
C PRO D 87 -12.51 9.40 14.25
N ASN D 88 -12.25 8.13 13.95
CA ASN D 88 -12.02 7.11 14.96
C ASN D 88 -10.57 6.64 14.81
N ASN D 89 -10.04 5.84 15.75
CA ASN D 89 -8.66 5.38 15.61
C ASN D 89 -8.57 4.16 14.69
N VAL D 90 -8.33 4.41 13.41
CA VAL D 90 -8.33 3.35 12.36
C VAL D 90 -7.00 3.33 11.63
N GLN D 91 -6.61 2.14 11.20
CA GLN D 91 -5.26 1.88 10.69
C GLN D 91 -5.30 0.68 9.79
N GLY D 92 -4.63 0.75 8.65
CA GLY D 92 -4.47 -0.45 7.82
C GLY D 92 -4.93 -0.22 6.41
N ALA D 93 -4.93 -1.28 5.60
CA ALA D 93 -5.31 -1.15 4.20
C ALA D 93 -6.74 -0.61 4.00
N ILE D 94 -6.86 0.31 3.05
CA ILE D 94 -8.15 0.74 2.50
C ILE D 94 -8.74 -0.33 1.55
N THR D 95 -9.93 -0.82 1.89
CA THR D 95 -10.74 -1.66 1.01
C THR D 95 -11.96 -0.87 0.55
N LEU D 96 -12.15 -0.78 -0.76
CA LEU D 96 -13.32 -0.11 -1.30
C LEU D 96 -14.41 -1.13 -1.52
N ILE D 97 -15.64 -0.77 -1.19
CA ILE D 97 -16.75 -1.72 -1.23
C ILE D 97 -18.03 -1.02 -1.66
N TYR D 98 -18.81 -1.70 -2.48
CA TYR D 98 -20.13 -1.24 -2.85
C TYR D 98 -21.23 -1.49 -1.76
N ASN D 99 -22.03 -0.49 -1.49
CA ASN D 99 -23.03 -0.58 -0.43
C ASN D 99 -24.33 -1.29 -0.87
N ASP D 100 -24.44 -2.55 -0.47
CA ASP D 100 -25.62 -3.35 -0.76
C ASP D 100 -25.79 -4.29 0.44
N VAL D 101 -26.91 -5.01 0.51
CA VAL D 101 -27.17 -6.05 1.53
C VAL D 101 -26.40 -7.35 1.21
N PRO D 102 -25.71 -7.96 2.22
CA PRO D 102 -24.94 -9.19 2.00
C PRO D 102 -25.80 -10.31 1.44
N GLY D 103 -25.27 -11.08 0.49
CA GLY D 103 -26.04 -12.15 -0.09
C GLY D 103 -26.90 -11.70 -1.25
N THR D 104 -27.00 -10.37 -1.47
CA THR D 104 -27.81 -9.78 -2.55
C THR D 104 -26.99 -9.12 -3.69
N TYR D 105 -25.68 -9.34 -3.70
CA TYR D 105 -24.80 -8.74 -4.74
C TYR D 105 -24.93 -9.37 -6.16
N GLY D 106 -25.68 -10.46 -6.28
CA GLY D 106 -25.76 -11.21 -7.54
C GLY D 106 -26.37 -10.46 -8.70
N ASN D 107 -27.32 -9.57 -8.42
CA ASN D 107 -27.94 -8.75 -9.47
C ASN D 107 -27.37 -7.33 -9.61
N ASN D 108 -26.22 -7.08 -8.98
CA ASN D 108 -25.51 -5.80 -9.13
C ASN D 108 -24.69 -5.74 -10.43
N SER D 109 -24.57 -4.54 -11.00
CA SER D 109 -23.77 -4.30 -12.21
C SER D 109 -23.09 -2.94 -12.14
N GLY D 110 -22.09 -2.73 -13.00
CA GLY D 110 -21.29 -1.49 -13.03
C GLY D 110 -20.16 -1.51 -12.02
N SER D 111 -19.43 -0.40 -11.94
CA SER D 111 -18.29 -0.27 -11.04
C SER D 111 -18.04 1.21 -10.82
N PHE D 112 -17.25 1.54 -9.79
CA PHE D 112 -16.74 2.90 -9.64
C PHE D 112 -15.23 3.01 -9.94
N SER D 113 -14.86 4.15 -10.51
CA SER D 113 -13.48 4.56 -10.67
C SER D 113 -13.11 5.41 -9.48
N VAL D 114 -11.95 5.13 -8.88
CA VAL D 114 -11.52 5.78 -7.66
C VAL D 114 -10.03 6.19 -7.65
N ASN D 115 -9.76 7.45 -7.30
CA ASN D 115 -8.39 7.92 -7.00
C ASN D 115 -8.24 8.11 -5.50
N ILE D 116 -7.11 7.71 -4.93
CA ILE D 116 -6.82 7.96 -3.51
C ILE D 116 -5.38 8.47 -3.39
N GLY D 117 -5.17 9.53 -2.63
CA GLY D 117 -3.80 9.93 -2.26
C GLY D 117 -3.71 10.47 -0.83
N LYS D 118 -2.51 10.41 -0.28
CA LYS D 118 -2.17 11.06 1.01
C LYS D 118 -1.78 12.52 0.78
N ASP D 119 -2.25 13.38 1.68
CA ASP D 119 -2.01 14.80 1.56
C ASP D 119 -1.02 15.27 2.63
N GLN D 120 -0.69 16.56 2.60
CA GLN D 120 0.13 17.16 3.63
C GLN D 120 -0.59 17.20 4.96
N SER D 121 0.13 16.91 6.04
CA SER D 121 -0.48 16.90 7.37
C SER D 121 0.45 17.45 8.44
N ALA E 1 0.67 -13.10 10.49
CA ALA E 1 2.08 -12.66 10.38
C ALA E 1 2.57 -11.88 11.62
N TRP E 2 3.88 -11.93 11.87
CA TRP E 2 4.48 -11.18 12.96
C TRP E 2 5.52 -10.24 12.37
N LYS E 3 5.55 -9.02 12.89
CA LYS E 3 6.59 -8.05 12.58
C LYS E 3 7.10 -7.41 13.87
N GLY E 4 8.42 -7.28 14.00
CA GLY E 4 8.98 -6.61 15.16
C GLY E 4 10.48 -6.47 15.09
N GLU E 5 11.08 -6.18 16.24
CA GLU E 5 12.52 -5.91 16.30
C GLU E 5 13.24 -6.83 17.30
N VAL E 6 14.49 -7.15 16.98
CA VAL E 6 15.34 -7.91 17.89
C VAL E 6 16.62 -7.11 18.07
N LEU E 7 16.89 -6.70 19.32
CA LEU E 7 18.12 -5.98 19.70
C LEU E 7 19.39 -6.82 19.77
N ALA E 8 20.50 -6.22 19.35
CA ALA E 8 21.77 -6.92 19.28
C ALA E 8 22.33 -7.21 20.69
N ASN E 9 21.90 -6.40 21.68
CA ASN E 9 22.36 -6.47 23.07
C ASN E 9 21.61 -7.46 23.96
N ASN E 10 20.58 -8.09 23.41
CA ASN E 10 19.70 -8.95 24.18
C ASN E 10 19.98 -10.42 23.96
N GLU E 11 20.58 -11.06 24.95
CA GLU E 11 20.92 -12.48 24.89
C GLU E 11 19.71 -13.37 24.83
N ALA E 12 18.63 -12.99 25.51
CA ALA E 12 17.39 -13.75 25.48
C ALA E 12 16.72 -13.76 24.08
N GLY E 13 16.98 -12.74 23.27
CA GLY E 13 16.34 -12.63 21.95
C GLY E 13 14.94 -12.07 22.04
N GLN E 14 14.24 -12.05 20.90
CA GLN E 14 12.85 -11.60 20.84
C GLN E 14 11.96 -12.84 20.68
N VAL E 15 11.13 -13.15 21.69
CA VAL E 15 10.16 -14.23 21.52
C VAL E 15 9.03 -13.67 20.71
N THR E 16 8.76 -14.26 19.54
CA THR E 16 7.60 -13.88 18.72
C THR E 16 6.29 -14.65 19.04
N SER E 17 5.24 -14.22 18.36
CA SER E 17 3.92 -14.82 18.42
C SER E 17 3.69 -15.96 17.40
N ILE E 18 4.69 -16.34 16.61
CA ILE E 18 4.50 -17.44 15.64
C ILE E 18 4.88 -18.78 16.24
N ILE E 19 3.92 -19.70 16.29
CA ILE E 19 4.20 -21.08 16.66
C ILE E 19 4.42 -21.90 15.39
N TYR E 20 5.69 -22.25 15.15
CA TYR E 20 6.03 -23.20 14.09
C TYR E 20 5.55 -24.60 14.47
N ASN E 21 4.75 -25.18 13.59
CA ASN E 21 4.13 -26.48 13.78
C ASN E 21 4.59 -27.41 12.66
N PRO E 22 4.64 -28.72 12.92
CA PRO E 22 5.12 -29.62 11.86
C PRO E 22 4.34 -29.42 10.57
N GLY E 23 5.08 -29.31 9.47
CA GLY E 23 4.48 -29.08 8.18
C GLY E 23 4.49 -27.66 7.68
N ASP E 24 4.52 -26.65 8.58
CA ASP E 24 4.49 -25.24 8.18
C ASP E 24 5.63 -24.82 7.23
N VAL E 25 5.23 -24.06 6.21
CA VAL E 25 6.12 -23.37 5.31
C VAL E 25 6.06 -21.92 5.80
N ILE E 26 7.21 -21.35 6.11
CA ILE E 26 7.30 -19.97 6.52
C ILE E 26 8.24 -19.13 5.64
N THR E 27 7.96 -17.82 5.60
CA THR E 27 8.83 -16.81 4.99
C THR E 27 9.33 -15.84 6.06
N ILE E 28 10.65 -15.57 6.09
CA ILE E 28 11.25 -14.49 6.90
C ILE E 28 12.05 -13.47 6.08
N VAL E 29 11.81 -12.18 6.33
CA VAL E 29 12.63 -11.10 5.76
C VAL E 29 13.17 -10.23 6.90
N ALA E 30 14.50 -10.06 6.93
CA ALA E 30 15.22 -9.41 7.99
C ALA E 30 15.95 -8.22 7.40
N ALA E 31 15.92 -7.08 8.09
CA ALA E 31 16.69 -5.93 7.64
C ALA E 31 17.33 -5.24 8.82
N GLY E 32 18.19 -4.27 8.56
CA GLY E 32 18.79 -3.44 9.61
C GLY E 32 20.28 -3.59 9.79
N TRP E 33 20.81 -2.90 10.81
CA TRP E 33 22.24 -2.71 11.01
C TRP E 33 22.58 -2.89 12.45
N ALA E 34 23.52 -3.78 12.72
CA ALA E 34 23.87 -4.09 14.08
C ALA E 34 25.36 -4.37 14.18
N SER E 35 25.89 -4.29 15.39
CA SER E 35 27.31 -4.54 15.68
C SER E 35 27.51 -5.39 16.95
N TYR E 36 28.54 -6.24 16.91
CA TYR E 36 28.98 -7.07 18.05
C TYR E 36 30.06 -6.42 18.90
N GLY E 37 30.35 -5.14 18.66
CA GLY E 37 31.42 -4.48 19.36
C GLY E 37 32.08 -3.39 18.54
N PRO E 38 32.60 -3.74 17.34
CA PRO E 38 33.28 -2.68 16.57
C PRO E 38 32.40 -1.48 16.17
N THR E 39 33.04 -0.37 15.78
CA THR E 39 32.36 0.83 15.23
C THR E 39 31.59 0.53 13.93
N GLN E 40 32.07 -0.44 13.14
CA GLN E 40 31.32 -0.95 12.00
C GLN E 40 29.97 -1.54 12.42
N LYS E 41 28.93 -1.28 11.63
CA LYS E 41 27.70 -2.09 11.68
C LYS E 41 27.66 -3.05 10.49
N TRP E 42 27.06 -4.23 10.70
CA TRP E 42 26.84 -5.23 9.65
C TRP E 42 25.34 -5.56 9.51
N GLY E 43 24.97 -6.11 8.36
CA GLY E 43 23.59 -6.52 8.11
C GLY E 43 23.27 -7.82 8.83
N PRO E 44 22.06 -8.35 8.63
CA PRO E 44 21.68 -9.63 9.27
C PRO E 44 22.44 -10.92 8.86
N GLN E 45 23.38 -10.85 7.91
CA GLN E 45 24.27 -11.98 7.64
C GLN E 45 25.49 -11.91 8.56
N GLY E 46 25.64 -10.80 9.25
CA GLY E 46 26.77 -10.64 10.16
C GLY E 46 28.04 -10.29 9.43
N ASP E 47 29.17 -10.60 10.05
CA ASP E 47 30.51 -10.28 9.54
C ASP E 47 31.15 -11.52 8.96
N ARG E 48 31.36 -11.56 7.64
CA ARG E 48 32.01 -12.73 7.01
C ARG E 48 33.50 -12.92 7.38
N GLU E 49 34.16 -11.85 7.87
CA GLU E 49 35.61 -11.89 8.15
C GLU E 49 35.94 -12.11 9.64
N HIS E 50 34.93 -12.35 10.44
CA HIS E 50 35.16 -12.53 11.86
C HIS E 50 35.13 -14.02 12.27
N PRO E 51 36.11 -14.44 13.08
CA PRO E 51 36.17 -15.79 13.66
C PRO E 51 35.07 -16.07 14.70
N ASP E 52 34.84 -17.34 14.96
CA ASP E 52 33.86 -17.81 15.94
C ASP E 52 34.55 -18.11 17.30
N GLN E 53 34.34 -17.23 18.29
CA GLN E 53 34.93 -17.39 19.62
C GLN E 53 33.94 -18.02 20.61
N GLY E 54 33.04 -18.85 20.08
CA GLY E 54 32.01 -19.51 20.89
C GLY E 54 30.62 -18.95 20.64
N LEU E 55 30.22 -18.88 19.37
CA LEU E 55 28.94 -18.26 19.02
C LEU E 55 27.79 -19.17 19.39
N ILE E 56 26.63 -18.58 19.67
CA ILE E 56 25.43 -19.37 20.00
C ILE E 56 24.94 -20.18 18.82
N CYS E 57 25.39 -19.80 17.62
CA CYS E 57 25.14 -20.52 16.37
C CYS E 57 26.40 -20.61 15.50
N HIS E 58 27.00 -21.80 15.43
CA HIS E 58 28.24 -22.01 14.68
C HIS E 58 28.05 -22.06 13.15
N ASP E 59 26.81 -22.18 12.67
CA ASP E 59 26.48 -22.14 11.21
C ASP E 59 26.27 -20.74 10.60
N ALA E 60 26.21 -19.70 11.44
CA ALA E 60 26.11 -18.33 10.93
C ALA E 60 27.27 -17.49 11.45
N PHE E 61 27.52 -16.38 10.77
CA PHE E 61 28.61 -15.49 11.17
C PHE E 61 28.28 -14.73 12.44
N CYS E 62 29.33 -14.32 13.16
CA CYS E 62 29.19 -13.37 14.24
C CYS E 62 28.40 -12.17 13.75
N GLY E 63 27.34 -11.81 14.48
CA GLY E 63 26.47 -10.71 14.06
C GLY E 63 25.35 -11.07 13.10
N ALA E 64 25.14 -12.36 12.83
CA ALA E 64 24.03 -12.77 11.97
C ALA E 64 22.78 -12.96 12.80
N LEU E 65 21.64 -12.93 12.09
CA LEU E 65 20.37 -13.20 12.74
C LEU E 65 20.09 -14.69 12.71
N VAL E 66 19.75 -15.23 13.88
CA VAL E 66 19.43 -16.66 14.01
C VAL E 66 18.14 -16.79 14.79
N MET E 67 17.65 -18.02 14.91
CA MET E 67 16.40 -18.29 15.62
C MET E 67 16.47 -19.58 16.39
N LYS E 68 15.56 -19.71 17.36
CA LYS E 68 15.20 -21.02 17.93
C LYS E 68 13.73 -21.26 17.71
N ILE E 69 13.40 -22.52 17.39
CA ILE E 69 12.00 -22.95 17.28
C ILE E 69 11.68 -23.83 18.50
N GLY E 70 10.93 -23.26 19.45
CA GLY E 70 10.74 -23.90 20.76
C GLY E 70 12.07 -24.04 21.47
N ASN E 71 12.40 -25.27 21.84
CA ASN E 71 13.65 -25.57 22.57
C ASN E 71 14.81 -26.08 21.71
N SER E 72 14.68 -25.93 20.39
CA SER E 72 15.72 -26.30 19.44
C SER E 72 17.07 -25.58 19.68
N GLY E 73 18.13 -26.06 19.04
CA GLY E 73 19.36 -25.32 19.00
C GLY E 73 19.10 -24.19 18.03
N THR E 74 20.14 -23.37 17.78
CA THR E 74 20.02 -22.20 16.91
C THR E 74 19.98 -22.60 15.42
N ILE E 75 19.11 -21.90 14.68
CA ILE E 75 18.92 -22.14 13.24
C ILE E 75 19.28 -20.81 12.57
N PRO E 76 20.17 -20.84 11.54
CA PRO E 76 20.48 -19.54 10.89
C PRO E 76 19.30 -18.95 10.14
N VAL E 77 19.12 -17.62 10.24
CA VAL E 77 18.11 -16.91 9.45
C VAL E 77 18.79 -16.00 8.43
N ASN E 78 19.81 -15.26 8.88
CA ASN E 78 20.53 -14.29 8.02
C ASN E 78 19.55 -13.26 7.45
N THR E 79 19.52 -13.08 6.12
CA THR E 79 18.57 -12.17 5.48
C THR E 79 17.13 -12.67 5.44
N GLY E 80 16.91 -13.98 5.67
CA GLY E 80 15.56 -14.54 5.73
C GLY E 80 15.39 -15.89 5.07
N LEU E 81 14.18 -16.43 5.18
CA LEU E 81 13.86 -17.79 4.75
C LEU E 81 12.72 -17.69 3.76
N PHE E 82 12.87 -18.28 2.57
CA PHE E 82 11.84 -18.18 1.51
C PHE E 82 11.14 -19.51 1.38
N ARG E 83 9.91 -19.57 1.89
CA ARG E 83 9.06 -20.76 1.83
C ARG E 83 9.80 -22.01 2.34
N TRP E 84 10.16 -21.93 3.62
CA TRP E 84 11.11 -22.82 4.27
C TRP E 84 10.42 -23.82 5.23
N VAL E 85 10.69 -25.10 5.06
CA VAL E 85 10.18 -26.13 5.96
C VAL E 85 11.33 -26.50 6.90
N ALA E 86 11.06 -26.70 8.19
CA ALA E 86 12.13 -27.19 9.08
C ALA E 86 12.60 -28.57 8.61
N PRO E 87 13.91 -28.74 8.39
CA PRO E 87 14.37 -30.03 7.86
C PRO E 87 14.50 -31.11 8.96
N ASN E 88 14.00 -30.74 10.14
CA ASN E 88 14.22 -31.38 11.42
C ASN E 88 12.84 -31.39 12.06
N ASN E 89 12.62 -32.18 13.12
CA ASN E 89 11.31 -32.17 13.77
C ASN E 89 11.24 -31.19 14.95
N VAL E 90 11.04 -29.91 14.65
CA VAL E 90 10.96 -28.83 15.65
C VAL E 90 9.55 -28.19 15.69
N GLN E 91 9.12 -27.82 16.88
CA GLN E 91 7.80 -27.29 17.10
C GLN E 91 7.91 -26.17 18.12
N GLY E 92 7.05 -25.16 18.02
CA GLY E 92 7.00 -24.16 19.09
C GLY E 92 7.34 -22.75 18.68
N ALA E 93 7.33 -21.83 19.64
CA ALA E 93 7.50 -20.41 19.34
C ALA E 93 8.85 -20.13 18.69
N ILE E 94 8.85 -19.20 17.74
CA ILE E 94 10.08 -18.69 17.13
C ILE E 94 10.63 -17.54 17.98
N THR E 95 11.85 -17.72 18.46
CA THR E 95 12.65 -16.66 19.09
C THR E 95 13.77 -16.30 18.13
N LEU E 96 13.88 -15.01 17.87
CA LEU E 96 14.90 -14.40 17.08
C LEU E 96 16.01 -13.92 18.01
N ILE E 97 17.25 -14.18 17.62
CA ILE E 97 18.40 -13.88 18.48
C ILE E 97 19.53 -13.35 17.59
N TYR E 98 20.30 -12.42 18.14
CA TYR E 98 21.53 -11.95 17.55
C TYR E 98 22.63 -12.99 17.79
N ASN E 99 23.43 -13.26 16.77
CA ASN E 99 24.52 -14.24 16.86
C ASN E 99 25.81 -13.59 17.38
N ASP E 100 26.14 -13.93 18.63
CA ASP E 100 27.30 -13.44 19.36
C ASP E 100 27.72 -14.51 20.41
N VAL E 101 28.63 -14.17 21.33
CA VAL E 101 29.18 -15.13 22.34
C VAL E 101 28.53 -14.87 23.70
N PRO E 102 27.96 -15.91 24.32
CA PRO E 102 27.28 -15.65 25.58
C PRO E 102 28.16 -14.85 26.57
N GLY E 103 27.58 -13.80 27.14
CA GLY E 103 28.30 -12.97 28.08
C GLY E 103 29.09 -11.84 27.45
N THR E 104 29.04 -11.72 26.12
CA THR E 104 29.71 -10.61 25.41
C THR E 104 28.73 -9.61 24.76
N TYR E 105 27.46 -9.67 25.14
CA TYR E 105 26.43 -8.85 24.49
C TYR E 105 26.40 -7.38 24.94
N GLY E 106 27.15 -7.07 25.99
CA GLY E 106 27.10 -5.76 26.60
C GLY E 106 27.64 -4.67 25.70
N ASN E 107 28.51 -5.02 24.73
CA ASN E 107 29.04 -4.01 23.79
C ASN E 107 28.33 -3.93 22.44
N ASN E 108 27.18 -4.60 22.35
CA ASN E 108 26.39 -4.70 21.12
C ASN E 108 25.50 -3.50 20.90
N SER E 109 25.25 -3.16 19.65
CA SER E 109 24.34 -2.05 19.32
C SER E 109 23.54 -2.31 18.03
N GLY E 110 22.49 -1.52 17.84
CA GLY E 110 21.56 -1.71 16.74
C GLY E 110 20.62 -2.89 16.91
N SER E 111 20.01 -3.29 15.78
CA SER E 111 18.92 -4.25 15.79
C SER E 111 18.49 -4.56 14.37
N PHE E 112 17.63 -5.57 14.23
CA PHE E 112 17.07 -5.98 12.96
C PHE E 112 15.56 -5.86 13.02
N SER E 113 14.95 -5.39 11.93
CA SER E 113 13.51 -5.46 11.67
C SER E 113 13.20 -6.78 11.00
N VAL E 114 12.12 -7.42 11.42
CA VAL E 114 11.83 -8.75 10.88
C VAL E 114 10.34 -8.94 10.63
N ASN E 115 10.03 -9.52 9.47
CA ASN E 115 8.71 -10.03 9.14
C ASN E 115 8.72 -11.55 9.13
N ILE E 116 7.65 -12.17 9.58
CA ILE E 116 7.50 -13.63 9.54
C ILE E 116 6.03 -13.91 9.23
N GLY E 117 5.79 -14.82 8.30
CA GLY E 117 4.45 -15.31 8.04
C GLY E 117 4.49 -16.75 7.60
N LYS E 118 3.36 -17.44 7.76
CA LYS E 118 3.15 -18.83 7.32
C LYS E 118 2.65 -18.84 5.90
N ASP E 119 3.11 -19.80 5.13
CA ASP E 119 2.80 -19.86 3.71
C ASP E 119 1.86 -21.01 3.42
N GLN E 120 1.51 -21.11 2.14
CA GLN E 120 0.66 -22.14 1.59
C GLN E 120 1.34 -23.52 1.77
N SER E 121 0.57 -24.52 2.21
CA SER E 121 1.09 -25.86 2.53
C SER E 121 0.27 -26.95 1.85
N ALA F 1 8.42 -19.25 -7.14
CA ALA F 1 8.19 -18.91 -8.56
C ALA F 1 9.49 -18.77 -9.34
N TRP F 2 10.32 -17.80 -8.98
CA TRP F 2 11.64 -17.66 -9.60
C TRP F 2 12.75 -17.75 -8.56
N LYS F 3 13.83 -18.44 -8.91
CA LYS F 3 15.06 -18.49 -8.10
C LYS F 3 16.25 -18.30 -9.03
N GLY F 4 17.26 -17.58 -8.54
CA GLY F 4 18.39 -17.23 -9.37
C GLY F 4 19.29 -16.18 -8.75
N GLU F 5 19.93 -15.41 -9.61
CA GLU F 5 21.14 -14.74 -9.20
C GLU F 5 21.34 -13.45 -9.95
N VAL F 6 21.88 -12.45 -9.28
CA VAL F 6 22.27 -11.21 -9.93
C VAL F 6 23.76 -11.00 -9.72
N LEU F 7 24.50 -10.88 -10.83
CA LEU F 7 25.91 -10.52 -10.74
C LEU F 7 26.06 -9.03 -10.46
N ALA F 8 27.07 -8.67 -9.67
CA ALA F 8 27.29 -7.27 -9.33
C ALA F 8 27.92 -6.49 -10.48
N ASN F 9 28.58 -7.16 -11.42
CA ASN F 9 29.26 -6.50 -12.55
C ASN F 9 28.44 -6.53 -13.84
N ASN F 10 27.19 -6.99 -13.71
CA ASN F 10 26.20 -6.98 -14.78
C ASN F 10 25.33 -5.72 -14.69
N GLU F 11 25.73 -4.71 -15.44
CA GLU F 11 25.08 -3.40 -15.49
C GLU F 11 23.64 -3.40 -16.04
N ALA F 12 23.34 -4.34 -16.94
CA ALA F 12 21.97 -4.51 -17.47
C ALA F 12 21.03 -5.22 -16.46
N GLY F 13 21.61 -5.91 -15.49
CA GLY F 13 20.82 -6.61 -14.47
C GLY F 13 20.22 -7.91 -14.96
N GLN F 14 19.51 -8.62 -14.07
CA GLN F 14 19.01 -9.95 -14.39
C GLN F 14 17.51 -9.96 -14.63
N VAL F 15 17.15 -10.23 -15.89
CA VAL F 15 15.76 -10.39 -16.29
C VAL F 15 15.21 -11.71 -15.79
N THR F 16 14.15 -11.63 -14.98
CA THR F 16 13.52 -12.82 -14.41
C THR F 16 12.31 -13.24 -15.26
N SER F 17 11.83 -14.47 -15.03
CA SER F 17 10.59 -14.90 -15.65
C SER F 17 9.33 -14.36 -14.95
N ILE F 18 9.50 -13.61 -13.86
CA ILE F 18 8.35 -13.01 -13.15
C ILE F 18 7.86 -11.74 -13.86
N ILE F 19 6.60 -11.77 -14.33
CA ILE F 19 5.94 -10.58 -14.86
C ILE F 19 5.05 -10.07 -13.73
N TYR F 20 5.33 -8.89 -13.17
CA TYR F 20 4.45 -8.33 -12.11
C TYR F 20 3.15 -7.75 -12.72
N ASN F 21 1.99 -8.19 -12.24
CA ASN F 21 0.71 -7.76 -12.85
C ASN F 21 -0.10 -6.97 -11.88
N PRO F 22 -1.00 -6.09 -12.37
CA PRO F 22 -1.75 -5.26 -11.41
C PRO F 22 -2.43 -6.10 -10.32
N GLY F 23 -2.27 -5.69 -9.05
CA GLY F 23 -2.86 -6.39 -7.91
C GLY F 23 -2.04 -7.52 -7.29
N ASP F 24 -1.00 -7.99 -7.98
CA ASP F 24 -0.09 -9.03 -7.45
C ASP F 24 0.57 -8.58 -6.14
N VAL F 25 0.66 -9.50 -5.20
CA VAL F 25 1.47 -9.33 -4.01
C VAL F 25 2.69 -10.29 -4.22
N ILE F 26 3.91 -9.79 -4.01
CA ILE F 26 5.09 -10.59 -4.21
C ILE F 26 5.94 -10.65 -2.96
N THR F 27 6.75 -11.71 -2.86
CA THR F 27 7.77 -11.82 -1.82
C THR F 27 9.12 -12.05 -2.49
N ILE F 28 10.11 -11.25 -2.07
CA ILE F 28 11.46 -11.35 -2.52
C ILE F 28 12.34 -11.55 -1.31
N VAL F 29 13.24 -12.52 -1.39
CA VAL F 29 14.25 -12.71 -0.38
C VAL F 29 15.59 -12.73 -1.13
N ALA F 30 16.50 -11.84 -0.73
CA ALA F 30 17.86 -11.80 -1.29
C ALA F 30 18.91 -12.22 -0.27
N ALA F 31 19.93 -12.98 -0.70
CA ALA F 31 21.11 -13.29 0.15
C ALA F 31 22.38 -13.23 -0.67
N GLY F 32 23.53 -13.06 0.00
CA GLY F 32 24.81 -13.01 -0.71
C GLY F 32 25.80 -11.91 -0.35
N TRP F 33 26.92 -11.90 -1.06
CA TRP F 33 28.01 -10.89 -0.89
C TRP F 33 28.47 -10.37 -2.27
N ALA F 34 28.54 -9.05 -2.38
CA ALA F 34 29.08 -8.45 -3.60
C ALA F 34 29.90 -7.21 -3.25
N SER F 35 30.67 -6.72 -4.21
CA SER F 35 31.40 -5.48 -4.05
C SER F 35 31.22 -4.59 -5.27
N TYR F 36 31.39 -3.28 -5.03
CA TYR F 36 31.27 -2.26 -6.05
C TYR F 36 32.68 -1.75 -6.36
N GLY F 37 33.66 -2.44 -5.80
CA GLY F 37 35.06 -2.08 -5.98
C GLY F 37 36.02 -2.61 -4.92
N PRO F 38 35.86 -2.13 -3.67
CA PRO F 38 36.75 -2.51 -2.56
C PRO F 38 36.94 -4.03 -2.35
N THR F 39 38.02 -4.42 -1.65
CA THR F 39 38.21 -5.83 -1.29
C THR F 39 37.07 -6.37 -0.39
N GLN F 40 36.48 -5.51 0.44
CA GLN F 40 35.31 -5.86 1.23
C GLN F 40 34.12 -6.15 0.33
N LYS F 41 33.33 -7.14 0.72
CA LYS F 41 32.03 -7.40 0.08
C LYS F 41 30.93 -6.93 1.03
N TRP F 42 29.75 -6.65 0.52
CA TRP F 42 28.60 -6.29 1.37
C TRP F 42 27.46 -7.22 1.00
N GLY F 43 26.47 -7.34 1.88
CA GLY F 43 25.22 -8.06 1.55
C GLY F 43 24.23 -7.20 0.79
N PRO F 44 23.00 -7.71 0.58
CA PRO F 44 21.94 -7.04 -0.20
C PRO F 44 21.53 -5.59 0.16
N GLN F 45 21.82 -5.11 1.37
CA GLN F 45 21.54 -3.71 1.71
C GLN F 45 22.68 -2.75 1.29
N GLY F 46 23.78 -3.30 0.79
CA GLY F 46 24.91 -2.48 0.37
C GLY F 46 25.67 -1.87 1.52
N ASP F 47 26.39 -0.80 1.20
CA ASP F 47 27.27 -0.11 2.12
C ASP F 47 26.60 1.20 2.51
N ARG F 48 26.32 1.32 3.78
CA ARG F 48 25.56 2.43 4.33
C ARG F 48 26.43 3.67 4.41
N GLU F 49 27.76 3.48 4.49
CA GLU F 49 28.69 4.59 4.70
C GLU F 49 29.26 5.23 3.44
N HIS F 50 28.84 4.74 2.28
CA HIS F 50 29.37 5.20 0.99
C HIS F 50 28.49 6.31 0.37
N PRO F 51 29.13 7.40 -0.11
CA PRO F 51 28.32 8.45 -0.77
C PRO F 51 27.61 7.95 -2.05
N ASP F 52 26.44 8.55 -2.32
CA ASP F 52 25.72 8.39 -3.59
C ASP F 52 26.35 9.37 -4.59
N GLN F 53 26.87 8.81 -5.68
CA GLN F 53 27.72 9.56 -6.59
C GLN F 53 27.20 9.40 -7.98
N GLY F 54 25.90 9.12 -8.07
CA GLY F 54 25.18 8.96 -9.33
C GLY F 54 24.65 7.55 -9.47
N LEU F 55 24.13 7.01 -8.38
CA LEU F 55 23.55 5.65 -8.31
C LEU F 55 22.31 5.54 -9.18
N ILE F 56 22.09 4.37 -9.76
CA ILE F 56 20.88 4.14 -10.55
C ILE F 56 19.64 4.18 -9.66
N CYS F 57 19.85 4.01 -8.35
CA CYS F 57 18.79 4.12 -7.33
C CYS F 57 19.25 5.02 -6.19
N HIS F 58 18.68 6.21 -6.13
CA HIS F 58 19.04 7.13 -5.06
C HIS F 58 18.43 6.77 -3.70
N ASP F 59 17.41 5.91 -3.67
CA ASP F 59 16.80 5.54 -2.41
C ASP F 59 17.24 4.13 -1.90
N ALA F 60 18.46 3.75 -2.26
CA ALA F 60 19.13 2.61 -1.69
C ALA F 60 20.64 2.91 -1.68
N PHE F 61 21.38 2.24 -0.80
CA PHE F 61 22.84 2.39 -0.73
C PHE F 61 23.62 1.73 -1.88
N CYS F 62 24.79 2.28 -2.17
CA CYS F 62 25.75 1.65 -3.06
C CYS F 62 26.01 0.16 -2.68
N GLY F 63 25.75 -0.74 -3.62
CA GLY F 63 25.83 -2.19 -3.38
C GLY F 63 24.57 -2.90 -2.92
N ALA F 64 23.45 -2.19 -2.86
CA ALA F 64 22.15 -2.79 -2.55
C ALA F 64 21.50 -3.45 -3.76
N LEU F 65 20.62 -4.40 -3.49
CA LEU F 65 19.80 -4.99 -4.52
C LEU F 65 18.66 -4.05 -4.80
N VAL F 66 18.53 -3.66 -6.07
CA VAL F 66 17.33 -2.96 -6.61
C VAL F 66 16.68 -3.74 -7.78
N MET F 67 15.63 -3.20 -8.37
CA MET F 67 14.92 -3.86 -9.46
C MET F 67 14.19 -2.78 -10.26
N LYS F 68 13.72 -3.17 -11.43
CA LYS F 68 12.77 -2.38 -12.19
C LYS F 68 11.61 -3.33 -12.48
N ILE F 69 10.42 -2.77 -12.52
CA ILE F 69 9.27 -3.55 -12.92
C ILE F 69 8.82 -3.00 -14.28
N GLY F 70 9.01 -3.82 -15.30
CA GLY F 70 8.91 -3.41 -16.69
C GLY F 70 10.00 -2.38 -16.91
N ASN F 71 9.56 -1.23 -17.38
CA ASN F 71 10.46 -0.11 -17.54
C ASN F 71 9.85 1.01 -16.70
N SER F 72 9.79 0.77 -15.40
CA SER F 72 9.56 1.81 -14.42
C SER F 72 10.98 2.22 -14.00
N GLY F 73 11.09 3.05 -12.99
CA GLY F 73 12.39 3.32 -12.44
C GLY F 73 12.73 2.35 -11.34
N THR F 74 13.92 2.49 -10.81
CA THR F 74 14.48 1.57 -9.82
C THR F 74 13.73 1.59 -8.48
N ILE F 75 13.60 0.40 -7.89
CA ILE F 75 12.85 0.21 -6.63
C ILE F 75 13.79 -0.56 -5.72
N PRO F 76 14.01 -0.04 -4.49
CA PRO F 76 14.85 -0.80 -3.56
C PRO F 76 14.27 -2.19 -3.21
N VAL F 77 15.14 -3.21 -3.26
CA VAL F 77 14.79 -4.55 -2.74
C VAL F 77 15.48 -4.84 -1.41
N ASN F 78 16.77 -4.54 -1.33
CA ASN F 78 17.57 -4.91 -0.17
C ASN F 78 17.48 -6.40 0.18
N THR F 79 17.24 -6.76 1.43
CA THR F 79 17.18 -8.16 1.83
C THR F 79 15.95 -8.88 1.28
N GLY F 80 15.01 -8.12 0.74
CA GLY F 80 13.73 -8.64 0.28
C GLY F 80 12.57 -7.70 0.55
N LEU F 81 11.39 -8.16 0.22
CA LEU F 81 10.18 -7.38 0.36
C LEU F 81 9.11 -8.40 0.78
N PHE F 82 8.46 -8.10 1.88
CA PHE F 82 7.48 -8.97 2.48
C PHE F 82 6.06 -8.67 2.01
N ARG F 83 5.45 -9.60 1.28
CA ARG F 83 4.03 -9.48 0.89
C ARG F 83 3.71 -8.07 0.38
N TRP F 84 4.37 -7.71 -0.72
CA TRP F 84 4.51 -6.33 -1.12
C TRP F 84 3.76 -6.03 -2.44
N VAL F 85 3.09 -4.87 -2.47
CA VAL F 85 2.37 -4.42 -3.66
C VAL F 85 3.11 -3.26 -4.32
N ALA F 86 3.27 -3.33 -5.63
CA ALA F 86 4.03 -2.32 -6.35
C ALA F 86 3.32 -0.98 -6.23
N PRO F 87 4.10 0.11 -6.15
CA PRO F 87 3.59 1.48 -6.07
C PRO F 87 2.98 1.94 -7.39
N ASN F 88 2.03 2.88 -7.33
CA ASN F 88 1.39 3.49 -8.54
C ASN F 88 1.09 2.44 -9.65
N ASN F 89 1.06 2.85 -10.91
CA ASN F 89 0.72 1.92 -12.00
C ASN F 89 1.94 1.18 -12.58
N VAL F 90 2.49 0.25 -11.81
CA VAL F 90 3.71 -0.44 -12.21
C VAL F 90 3.43 -1.91 -12.53
N GLN F 91 3.96 -2.37 -13.67
CA GLN F 91 3.72 -3.73 -14.15
C GLN F 91 4.77 -4.14 -15.20
N GLY F 92 4.89 -5.44 -15.47
CA GLY F 92 5.91 -5.95 -16.41
C GLY F 92 6.99 -6.80 -15.74
N ALA F 93 7.88 -7.41 -16.53
CA ALA F 93 8.91 -8.31 -15.98
C ALA F 93 9.76 -7.64 -14.92
N ILE F 94 10.16 -8.43 -13.93
CA ILE F 94 11.06 -7.96 -12.91
C ILE F 94 12.47 -8.17 -13.42
N THR F 95 13.24 -7.09 -13.44
CA THR F 95 14.68 -7.14 -13.64
C THR F 95 15.38 -6.76 -12.33
N LEU F 96 16.25 -7.62 -11.83
CA LEU F 96 17.03 -7.37 -10.64
C LEU F 96 18.39 -6.71 -10.96
N ILE F 97 18.72 -5.60 -10.31
CA ILE F 97 19.96 -4.88 -10.62
C ILE F 97 20.79 -4.56 -9.41
N TYR F 98 22.11 -4.69 -9.53
CA TYR F 98 23.02 -4.20 -8.51
C TYR F 98 23.06 -2.69 -8.51
N ASN F 99 22.98 -2.07 -7.32
CA ASN F 99 22.96 -0.59 -7.22
C ASN F 99 24.39 -0.01 -7.24
N ASP F 100 24.76 0.63 -8.35
CA ASP F 100 26.07 1.23 -8.51
C ASP F 100 25.92 2.44 -9.45
N VAL F 101 27.02 3.13 -9.75
CA VAL F 101 27.07 4.28 -10.69
C VAL F 101 27.18 3.76 -12.11
N PRO F 102 26.41 4.30 -13.07
CA PRO F 102 26.57 3.80 -14.45
C PRO F 102 27.97 3.99 -15.01
N GLY F 103 28.43 3.06 -15.82
CA GLY F 103 29.80 3.13 -16.28
C GLY F 103 30.84 2.58 -15.33
N THR F 104 30.49 2.42 -14.05
CA THR F 104 31.49 1.93 -13.07
C THR F 104 31.27 0.48 -12.65
N TYR F 105 30.54 -0.31 -13.46
CA TYR F 105 30.24 -1.71 -13.08
C TYR F 105 31.36 -2.71 -13.28
N GLY F 106 32.37 -2.37 -14.07
CA GLY F 106 33.41 -3.33 -14.39
C GLY F 106 34.35 -3.77 -13.26
N ASN F 107 34.42 -3.01 -12.15
CA ASN F 107 35.29 -3.47 -11.04
C ASN F 107 34.52 -4.20 -9.94
N ASN F 108 33.25 -4.52 -10.21
CA ASN F 108 32.40 -5.20 -9.27
C ASN F 108 32.68 -6.70 -9.33
N SER F 109 32.50 -7.34 -8.17
CA SER F 109 32.53 -8.78 -8.04
C SER F 109 31.43 -9.24 -7.05
N GLY F 110 31.22 -10.55 -6.97
CA GLY F 110 30.19 -11.15 -6.15
C GLY F 110 28.83 -11.22 -6.83
N SER F 111 27.83 -11.60 -6.04
CA SER F 111 26.47 -11.76 -6.53
C SER F 111 25.47 -11.94 -5.38
N PHE F 112 24.20 -11.75 -5.70
CA PHE F 112 23.09 -12.03 -4.78
C PHE F 112 22.20 -13.14 -5.30
N SER F 113 21.88 -14.05 -4.39
CA SER F 113 20.94 -15.12 -4.63
C SER F 113 19.55 -14.57 -4.26
N VAL F 114 18.59 -14.70 -5.17
CA VAL F 114 17.28 -14.06 -5.02
C VAL F 114 16.15 -15.04 -5.34
N ASN F 115 15.15 -15.10 -4.44
CA ASN F 115 13.88 -15.85 -4.65
C ASN F 115 12.69 -14.87 -4.70
N ILE F 116 11.81 -15.08 -5.67
CA ILE F 116 10.66 -14.21 -5.89
C ILE F 116 9.49 -15.14 -6.04
N GLY F 117 8.43 -14.89 -5.29
CA GLY F 117 7.21 -15.66 -5.40
C GLY F 117 6.00 -14.75 -5.33
N LYS F 118 4.89 -15.21 -5.88
CA LYS F 118 3.61 -14.52 -5.82
C LYS F 118 2.79 -15.03 -4.66
N ASP F 119 2.19 -14.11 -3.92
CA ASP F 119 1.41 -14.44 -2.73
C ASP F 119 -0.10 -14.38 -2.94
N GLN F 120 -0.81 -14.79 -1.89
CA GLN F 120 -2.27 -14.79 -1.88
C GLN F 120 -2.82 -13.34 -2.02
N SER F 121 -3.90 -13.20 -2.79
CA SER F 121 -4.58 -11.92 -2.97
C SER F 121 -6.05 -12.11 -3.34
N ALA G 1 -9.42 -10.48 -4.04
CA ALA G 1 -10.28 -11.66 -4.08
C ALA G 1 -11.67 -11.18 -4.48
N TRP G 2 -12.52 -12.12 -4.92
CA TRP G 2 -13.88 -11.82 -5.31
C TRP G 2 -14.80 -12.75 -4.60
N LYS G 3 -15.90 -12.20 -4.09
CA LYS G 3 -16.95 -12.88 -3.34
C LYS G 3 -18.30 -12.27 -3.76
N GLY G 4 -19.24 -13.12 -4.18
CA GLY G 4 -20.53 -12.61 -4.64
C GLY G 4 -21.46 -13.74 -5.01
N GLU G 5 -22.50 -13.43 -5.78
CA GLU G 5 -23.49 -14.45 -6.13
C GLU G 5 -23.60 -14.62 -7.64
N VAL G 6 -23.83 -15.86 -8.08
CA VAL G 6 -24.05 -16.18 -9.51
C VAL G 6 -25.51 -16.60 -9.76
N LEU G 7 -26.28 -15.67 -10.34
CA LEU G 7 -27.72 -15.86 -10.60
C LEU G 7 -27.99 -16.87 -11.70
N ALA G 8 -28.90 -17.80 -11.42
CA ALA G 8 -29.27 -18.83 -12.41
C ALA G 8 -29.88 -18.22 -13.67
N ASN G 9 -30.59 -17.09 -13.50
CA ASN G 9 -31.26 -16.44 -14.62
C ASN G 9 -30.41 -15.38 -15.37
N ASN G 10 -29.12 -15.28 -15.03
CA ASN G 10 -28.17 -14.38 -15.70
C ASN G 10 -27.47 -15.04 -16.90
N GLU G 11 -28.14 -14.99 -18.04
CA GLU G 11 -27.57 -15.56 -19.26
C GLU G 11 -26.12 -15.13 -19.51
N ALA G 12 -25.83 -13.86 -19.24
CA ALA G 12 -24.56 -13.25 -19.67
C ALA G 12 -23.36 -13.51 -18.76
N GLY G 13 -23.60 -14.14 -17.62
CA GLY G 13 -22.57 -14.37 -16.63
C GLY G 13 -22.38 -13.21 -15.65
N GLN G 14 -21.61 -13.47 -14.61
CA GLN G 14 -21.18 -12.49 -13.65
C GLN G 14 -19.68 -12.27 -13.92
N VAL G 15 -19.34 -11.09 -14.46
CA VAL G 15 -17.95 -10.71 -14.64
C VAL G 15 -17.34 -10.33 -13.27
N THR G 16 -16.28 -11.04 -12.88
CA THR G 16 -15.69 -10.86 -11.56
C THR G 16 -14.62 -9.79 -11.65
N SER G 17 -13.91 -9.54 -10.56
CA SER G 17 -12.78 -8.62 -10.58
C SER G 17 -11.43 -9.32 -10.79
N ILE G 18 -11.46 -10.58 -11.22
CA ILE G 18 -10.26 -11.40 -11.26
C ILE G 18 -9.84 -11.53 -12.69
N ILE G 19 -8.71 -10.89 -13.01
CA ILE G 19 -8.06 -11.03 -14.31
C ILE G 19 -7.06 -12.17 -14.16
N TYR G 20 -7.36 -13.31 -14.77
CA TYR G 20 -6.42 -14.41 -14.76
C TYR G 20 -5.27 -14.09 -15.73
N ASN G 21 -4.05 -14.11 -15.17
CA ASN G 21 -2.82 -13.81 -15.91
C ASN G 21 -2.00 -15.09 -15.99
N PRO G 22 -1.17 -15.25 -17.04
CA PRO G 22 -0.34 -16.47 -17.14
C PRO G 22 0.43 -16.80 -15.86
N GLY G 23 0.34 -18.06 -15.45
CA GLY G 23 1.01 -18.52 -14.22
C GLY G 23 0.19 -18.38 -12.93
N ASP G 24 -0.95 -17.72 -13.00
CA ASP G 24 -1.75 -17.53 -11.83
C ASP G 24 -2.32 -18.87 -11.35
N VAL G 25 -2.17 -19.10 -10.04
CA VAL G 25 -2.82 -20.24 -9.38
C VAL G 25 -4.06 -19.69 -8.64
N ILE G 26 -5.25 -20.23 -8.95
CA ILE G 26 -6.51 -19.76 -8.33
C ILE G 26 -7.26 -20.85 -7.54
N THR G 27 -8.11 -20.41 -6.61
CA THR G 27 -9.07 -21.25 -5.89
C THR G 27 -10.47 -20.67 -6.00
N ILE G 28 -11.42 -21.53 -6.28
CA ILE G 28 -12.80 -21.19 -6.36
C ILE G 28 -13.53 -22.21 -5.48
N VAL G 29 -14.45 -21.73 -4.66
CA VAL G 29 -15.38 -22.55 -3.92
C VAL G 29 -16.76 -21.95 -4.21
N ALA G 30 -17.69 -22.81 -4.62
CA ALA G 30 -19.07 -22.44 -4.99
C ALA G 30 -20.01 -23.28 -4.16
N ALA G 31 -21.04 -22.61 -3.60
CA ALA G 31 -22.00 -23.20 -2.68
C ALA G 31 -23.40 -22.81 -3.10
N GLY G 32 -24.41 -23.56 -2.65
CA GLY G 32 -25.77 -23.14 -2.88
C GLY G 32 -26.68 -24.00 -3.72
N TRP G 33 -27.85 -23.42 -4.06
CA TRP G 33 -29.01 -24.11 -4.64
C TRP G 33 -29.69 -23.21 -5.66
N ALA G 34 -30.00 -23.76 -6.82
CA ALA G 34 -30.59 -22.99 -7.90
C ALA G 34 -31.29 -23.96 -8.84
N SER G 35 -32.03 -23.45 -9.83
CA SER G 35 -32.74 -24.32 -10.79
C SER G 35 -32.75 -23.72 -12.19
N TYR G 36 -32.86 -24.60 -13.20
CA TYR G 36 -33.04 -24.18 -14.61
C TYR G 36 -34.52 -24.17 -15.09
N GLY G 37 -35.49 -24.24 -14.16
CA GLY G 37 -36.92 -24.32 -14.49
C GLY G 37 -37.78 -25.15 -13.50
N PRO G 38 -37.36 -26.40 -13.20
CA PRO G 38 -38.18 -27.21 -12.30
C PRO G 38 -38.24 -26.65 -10.88
N THR G 39 -39.27 -27.05 -10.13
CA THR G 39 -39.44 -26.53 -8.78
C THR G 39 -38.58 -27.30 -7.75
N GLN G 40 -37.55 -27.96 -8.25
CA GLN G 40 -36.55 -28.61 -7.43
C GLN G 40 -35.28 -27.78 -7.56
N LYS G 41 -34.28 -28.03 -6.71
CA LYS G 41 -33.03 -27.27 -6.76
C LYS G 41 -31.82 -28.19 -6.78
N TRP G 42 -30.81 -27.79 -7.54
CA TRP G 42 -29.53 -28.50 -7.58
C TRP G 42 -28.37 -27.61 -7.10
N GLY G 43 -27.31 -28.22 -6.61
CA GLY G 43 -26.11 -27.47 -6.21
C GLY G 43 -25.20 -27.19 -7.41
N PRO G 44 -23.97 -26.73 -7.14
CA PRO G 44 -23.03 -26.32 -8.17
C PRO G 44 -22.70 -27.32 -9.29
N GLN G 45 -22.85 -28.63 -9.03
CA GLN G 45 -22.66 -29.72 -10.01
C GLN G 45 -23.86 -29.96 -10.92
N GLY G 46 -24.96 -29.26 -10.65
CA GLY G 46 -26.17 -29.30 -11.46
C GLY G 46 -26.91 -30.62 -11.37
N ASP G 47 -27.67 -30.91 -12.42
CA ASP G 47 -28.63 -32.01 -12.44
C ASP G 47 -28.07 -33.15 -13.28
N ARG G 48 -27.51 -34.15 -12.61
CA ARG G 48 -26.86 -35.31 -13.26
C ARG G 48 -27.85 -36.22 -14.03
N GLU G 49 -29.14 -35.89 -13.97
CA GLU G 49 -30.22 -36.67 -14.60
C GLU G 49 -30.72 -36.07 -15.93
N HIS G 50 -30.45 -34.79 -16.15
CA HIS G 50 -31.05 -34.01 -17.23
C HIS G 50 -30.23 -34.14 -18.52
N PRO G 51 -30.85 -34.62 -19.63
CA PRO G 51 -30.15 -34.55 -20.94
C PRO G 51 -29.60 -33.15 -21.30
N ASP G 52 -28.41 -33.14 -21.89
CA ASP G 52 -27.79 -31.97 -22.53
C ASP G 52 -28.50 -31.63 -23.87
N GLN G 53 -29.08 -30.44 -23.96
CA GLN G 53 -29.87 -30.04 -25.13
C GLN G 53 -29.36 -28.78 -25.86
N GLY G 54 -28.04 -28.57 -25.85
CA GLY G 54 -27.46 -27.32 -26.33
C GLY G 54 -26.96 -26.45 -25.19
N LEU G 55 -26.46 -27.07 -24.13
CA LEU G 55 -25.86 -26.35 -23.00
C LEU G 55 -24.64 -25.56 -23.44
N ILE G 56 -24.37 -24.42 -22.79
CA ILE G 56 -23.16 -23.63 -23.07
C ILE G 56 -21.86 -24.38 -22.69
N CYS G 57 -21.99 -25.43 -21.88
CA CYS G 57 -20.86 -26.25 -21.46
C CYS G 57 -21.20 -27.74 -21.57
N HIS G 58 -20.50 -28.42 -22.46
CA HIS G 58 -20.80 -29.82 -22.72
C HIS G 58 -20.08 -30.77 -21.74
N ASP G 59 -19.30 -30.19 -20.83
CA ASP G 59 -18.44 -30.97 -19.93
C ASP G 59 -18.93 -30.78 -18.49
N ALA G 60 -20.14 -30.25 -18.34
CA ALA G 60 -20.77 -30.08 -17.05
C ALA G 60 -22.26 -30.23 -17.26
N PHE G 61 -22.95 -30.71 -16.21
CA PHE G 61 -24.40 -30.90 -16.19
C PHE G 61 -25.15 -29.58 -16.31
N CYS G 62 -26.38 -29.65 -16.79
CA CYS G 62 -27.31 -28.54 -16.79
C CYS G 62 -27.51 -28.08 -15.37
N GLY G 63 -27.33 -26.76 -15.15
CA GLY G 63 -27.50 -26.17 -13.84
C GLY G 63 -26.26 -26.20 -12.95
N ALA G 64 -25.10 -26.44 -13.54
CA ALA G 64 -23.82 -26.41 -12.84
C ALA G 64 -23.15 -25.02 -12.98
N LEU G 65 -22.16 -24.75 -12.12
CA LEU G 65 -21.31 -23.56 -12.30
C LEU G 65 -20.19 -23.75 -13.35
N VAL G 66 -20.13 -22.83 -14.31
CA VAL G 66 -19.05 -22.86 -15.30
C VAL G 66 -18.46 -21.48 -15.39
N MET G 67 -17.35 -21.35 -16.11
CA MET G 67 -16.71 -20.04 -16.30
C MET G 67 -16.12 -19.86 -17.70
N LYS G 68 -15.82 -18.61 -18.02
CA LYS G 68 -14.99 -18.27 -19.15
C LYS G 68 -13.85 -17.40 -18.64
N ILE G 69 -12.67 -17.51 -19.25
CA ILE G 69 -11.53 -16.66 -18.93
C ILE G 69 -11.22 -15.83 -20.18
N GLY G 70 -11.32 -14.52 -20.08
CA GLY G 70 -11.35 -13.65 -21.25
C GLY G 70 -12.26 -14.24 -22.32
N ASN G 71 -11.76 -14.31 -23.56
CA ASN G 71 -12.44 -15.03 -24.65
C ASN G 71 -12.06 -16.50 -24.54
N SER G 72 -12.93 -17.34 -24.02
CA SER G 72 -12.56 -18.77 -24.01
C SER G 72 -13.81 -19.63 -24.13
N GLY G 73 -13.62 -20.92 -24.36
CA GLY G 73 -14.72 -21.84 -24.14
C GLY G 73 -15.05 -21.88 -22.65
N THR G 74 -16.27 -22.29 -22.37
CA THR G 74 -16.67 -22.58 -21.01
C THR G 74 -15.75 -23.64 -20.39
N ILE G 75 -15.42 -23.43 -19.13
CA ILE G 75 -14.65 -24.37 -18.34
C ILE G 75 -15.52 -24.71 -17.14
N PRO G 76 -15.72 -26.01 -16.83
CA PRO G 76 -16.43 -26.37 -15.59
C PRO G 76 -15.81 -25.76 -14.32
N VAL G 77 -16.66 -25.23 -13.44
CA VAL G 77 -16.27 -24.95 -12.07
C VAL G 77 -16.91 -25.97 -11.11
N ASN G 78 -18.21 -26.22 -11.25
CA ASN G 78 -18.89 -27.12 -10.31
C ASN G 78 -18.69 -26.62 -8.87
N THR G 79 -18.26 -27.46 -7.94
CA THR G 79 -18.15 -27.00 -6.54
C THR G 79 -16.92 -26.14 -6.31
N GLY G 80 -16.04 -26.07 -7.29
CA GLY G 80 -14.87 -25.26 -7.12
C GLY G 80 -13.62 -25.83 -7.75
N LEU G 81 -12.53 -25.10 -7.59
CA LEU G 81 -11.25 -25.44 -8.20
C LEU G 81 -10.25 -25.21 -7.13
N PHE G 82 -9.33 -26.14 -6.99
CA PHE G 82 -8.37 -26.11 -5.90
C PHE G 82 -6.99 -25.91 -6.46
N ARG G 83 -6.47 -24.69 -6.32
CA ARG G 83 -5.11 -24.35 -6.70
C ARG G 83 -4.97 -24.69 -8.15
N TRP G 84 -5.76 -23.97 -8.94
CA TRP G 84 -5.99 -24.32 -10.34
C TRP G 84 -5.20 -23.47 -11.31
N VAL G 85 -4.64 -24.13 -12.34
CA VAL G 85 -3.89 -23.44 -13.39
C VAL G 85 -4.52 -23.67 -14.78
N ALA G 86 -4.73 -22.59 -15.54
CA ALA G 86 -5.37 -22.62 -16.88
C ALA G 86 -4.52 -23.26 -17.99
N PRO G 87 -5.19 -23.68 -19.11
CA PRO G 87 -4.46 -24.12 -20.31
C PRO G 87 -3.61 -23.00 -20.86
N ASN G 88 -2.52 -23.36 -21.52
CA ASN G 88 -1.68 -22.38 -22.20
C ASN G 88 -2.54 -21.40 -23.00
N ASN G 89 -2.22 -20.12 -22.87
CA ASN G 89 -2.80 -19.03 -23.67
C ASN G 89 -4.17 -18.57 -23.22
N VAL G 90 -4.64 -19.09 -22.08
CA VAL G 90 -5.90 -18.67 -21.47
C VAL G 90 -5.58 -17.55 -20.44
N GLN G 91 -6.17 -16.38 -20.68
CA GLN G 91 -5.93 -15.16 -19.89
C GLN G 91 -7.17 -14.28 -19.96
N GLY G 92 -7.38 -13.44 -18.96
CA GLY G 92 -8.42 -12.42 -19.01
C GLY G 92 -9.41 -12.51 -17.85
N ALA G 93 -10.41 -11.63 -17.85
CA ALA G 93 -11.43 -11.63 -16.79
C ALA G 93 -12.17 -12.96 -16.69
N ILE G 94 -12.26 -13.46 -15.47
CA ILE G 94 -13.09 -14.61 -15.17
C ILE G 94 -14.53 -14.15 -15.09
N THR G 95 -15.36 -14.71 -16.00
CA THR G 95 -16.81 -14.63 -15.92
C THR G 95 -17.37 -15.96 -15.46
N LEU G 96 -18.24 -15.90 -14.46
CA LEU G 96 -18.92 -17.09 -13.90
C LEU G 96 -20.31 -17.20 -14.48
N ILE G 97 -20.69 -18.40 -14.89
CA ILE G 97 -21.97 -18.57 -15.60
C ILE G 97 -22.72 -19.80 -15.15
N TYR G 98 -24.04 -19.66 -15.01
CA TYR G 98 -24.94 -20.79 -14.84
C TYR G 98 -25.13 -21.54 -16.18
N ASN G 99 -24.97 -22.87 -16.11
CA ASN G 99 -24.99 -23.73 -17.27
C ASN G 99 -26.40 -24.11 -17.74
N ASP G 100 -26.86 -23.44 -18.81
CA ASP G 100 -28.18 -23.70 -19.41
C ASP G 100 -28.09 -23.57 -20.93
N VAL G 101 -29.22 -23.77 -21.61
CA VAL G 101 -29.34 -23.64 -23.08
C VAL G 101 -29.57 -22.15 -23.35
N PRO G 102 -28.81 -21.56 -24.31
CA PRO G 102 -29.06 -20.16 -24.73
C PRO G 102 -30.54 -19.93 -25.08
N GLY G 103 -31.16 -18.89 -24.54
CA GLY G 103 -32.58 -18.62 -24.83
C GLY G 103 -33.57 -19.11 -23.75
N THR G 104 -33.10 -19.99 -22.87
CA THR G 104 -33.96 -20.65 -21.90
C THR G 104 -33.61 -20.24 -20.45
N TYR G 105 -32.98 -19.09 -20.28
CA TYR G 105 -32.53 -18.68 -18.94
C TYR G 105 -33.62 -17.99 -18.14
N GLY G 106 -34.59 -17.42 -18.85
CA GLY G 106 -35.62 -16.62 -18.24
C GLY G 106 -36.45 -17.30 -17.18
N ASN G 107 -36.54 -18.63 -17.22
CA ASN G 107 -37.31 -19.34 -16.19
C ASN G 107 -36.49 -19.89 -15.03
N ASN G 108 -35.20 -19.54 -14.98
CA ASN G 108 -34.32 -19.99 -13.89
C ASN G 108 -34.50 -19.20 -12.62
N SER G 109 -34.16 -19.83 -11.51
CA SER G 109 -34.25 -19.19 -10.21
C SER G 109 -33.11 -19.59 -9.25
N GLY G 110 -32.93 -18.82 -8.19
CA GLY G 110 -31.80 -19.06 -7.32
C GLY G 110 -30.45 -18.59 -7.85
N SER G 111 -29.44 -18.87 -7.05
CA SER G 111 -28.10 -18.40 -7.25
C SER G 111 -27.14 -19.27 -6.46
N PHE G 112 -25.87 -19.25 -6.86
CA PHE G 112 -24.79 -19.88 -6.11
C PHE G 112 -23.95 -18.83 -5.42
N SER G 113 -23.44 -19.18 -4.26
CA SER G 113 -22.54 -18.31 -3.54
C SER G 113 -21.12 -18.76 -3.93
N VAL G 114 -20.26 -17.80 -4.29
CA VAL G 114 -18.93 -18.11 -4.86
C VAL G 114 -17.80 -17.23 -4.28
N ASN G 115 -16.67 -17.87 -3.98
CA ASN G 115 -15.45 -17.16 -3.60
C ASN G 115 -14.38 -17.50 -4.61
N ILE G 116 -13.63 -16.46 -5.03
CA ILE G 116 -12.42 -16.62 -5.87
C ILE G 116 -11.23 -15.81 -5.32
N GLY G 117 -10.05 -16.42 -5.29
CA GLY G 117 -8.84 -15.71 -4.90
C GLY G 117 -7.66 -16.25 -5.65
N LYS G 118 -6.61 -15.45 -5.71
CA LYS G 118 -5.34 -15.89 -6.26
C LYS G 118 -4.51 -16.53 -5.18
N ASP G 119 -3.87 -17.63 -5.56
CA ASP G 119 -3.07 -18.38 -4.63
C ASP G 119 -1.62 -18.03 -4.78
N GLN G 120 -0.88 -18.46 -3.77
CA GLN G 120 0.55 -18.38 -3.78
C GLN G 120 1.12 -19.19 -4.96
N SER G 121 2.20 -18.70 -5.57
CA SER G 121 2.81 -19.33 -6.72
C SER G 121 4.22 -18.79 -6.90
N ALA H 1 -0.54 -30.37 1.70
CA ALA H 1 -1.96 -30.54 1.28
C ALA H 1 -2.35 -32.03 1.35
N TRP H 2 -3.65 -32.32 1.28
CA TRP H 2 -4.13 -33.69 1.26
C TRP H 2 -5.19 -33.78 0.18
N LYS H 3 -5.24 -34.94 -0.46
CA LYS H 3 -6.14 -35.16 -1.56
C LYS H 3 -6.49 -36.66 -1.50
N GLY H 4 -7.78 -36.95 -1.41
CA GLY H 4 -8.23 -38.33 -1.28
C GLY H 4 -9.74 -38.43 -1.34
N GLU H 5 -10.25 -39.61 -1.01
CA GLU H 5 -11.66 -39.96 -1.18
C GLU H 5 -12.34 -40.22 0.16
N VAL H 6 -13.63 -39.95 0.22
CA VAL H 6 -14.43 -40.22 1.41
C VAL H 6 -15.58 -41.08 0.90
N LEU H 7 -15.66 -42.32 1.42
CA LEU H 7 -16.71 -43.27 1.01
C LEU H 7 -18.00 -43.01 1.77
N ALA H 8 -19.12 -43.05 1.07
CA ALA H 8 -20.40 -42.75 1.71
C ALA H 8 -20.76 -43.82 2.74
N ASN H 9 -20.27 -45.05 2.51
CA ASN H 9 -20.58 -46.19 3.37
C ASN H 9 -19.65 -46.37 4.59
N ASN H 10 -18.73 -45.44 4.77
CA ASN H 10 -17.75 -45.54 5.82
C ASN H 10 -18.14 -44.71 7.01
N GLU H 11 -18.78 -45.37 7.96
CA GLU H 11 -19.35 -44.69 9.11
C GLU H 11 -18.26 -44.04 9.95
N ALA H 12 -17.06 -44.62 9.92
CA ALA H 12 -15.89 -44.14 10.69
C ALA H 12 -15.28 -42.89 10.09
N GLY H 13 -15.59 -42.65 8.83
CA GLY H 13 -14.98 -41.59 8.03
C GLY H 13 -13.55 -41.85 7.61
N GLN H 14 -12.96 -40.83 7.00
CA GLN H 14 -11.63 -40.85 6.39
C GLN H 14 -10.76 -39.84 7.14
N VAL H 15 -9.85 -40.34 7.97
CA VAL H 15 -8.81 -39.50 8.60
C VAL H 15 -7.87 -38.94 7.51
N THR H 16 -7.53 -37.66 7.58
CA THR H 16 -6.57 -37.03 6.67
C THR H 16 -5.21 -36.79 7.39
N SER H 17 -4.14 -36.50 6.63
CA SER H 17 -2.87 -36.05 7.22
C SER H 17 -2.88 -34.60 7.75
N ILE H 18 -3.99 -33.90 7.60
CA ILE H 18 -4.06 -32.51 8.01
C ILE H 18 -4.33 -32.42 9.51
N ILE H 19 -3.34 -31.87 10.21
CA ILE H 19 -3.49 -31.47 11.62
C ILE H 19 -3.78 -29.96 11.70
N TYR H 20 -5.03 -29.64 12.02
CA TYR H 20 -5.40 -28.24 12.11
C TYR H 20 -4.83 -27.73 13.42
N ASN H 21 -4.13 -26.59 13.35
CA ASN H 21 -3.48 -25.94 14.50
C ASN H 21 -4.06 -24.57 14.72
N PRO H 22 -4.00 -24.04 15.98
CA PRO H 22 -4.58 -22.70 16.20
C PRO H 22 -4.08 -21.70 15.17
N GLY H 23 -4.99 -20.88 14.63
CA GLY H 23 -4.61 -19.85 13.69
C GLY H 23 -4.45 -20.26 12.23
N ASP H 24 -4.46 -21.56 11.95
CA ASP H 24 -4.39 -22.01 10.56
C ASP H 24 -5.60 -21.52 9.75
N VAL H 25 -5.31 -21.15 8.51
CA VAL H 25 -6.30 -20.81 7.50
C VAL H 25 -6.25 -21.96 6.50
N ILE H 26 -7.39 -22.62 6.32
CA ILE H 26 -7.45 -23.76 5.36
C ILE H 26 -8.43 -23.58 4.18
N THR H 27 -8.15 -24.29 3.09
CA THR H 27 -9.11 -24.44 2.01
C THR H 27 -9.47 -25.90 1.85
N ILE H 28 -10.76 -26.19 1.66
CA ILE H 28 -11.25 -27.53 1.27
C ILE H 28 -12.13 -27.40 0.02
N VAL H 29 -11.95 -28.33 -0.91
CA VAL H 29 -12.84 -28.49 -2.06
C VAL H 29 -13.24 -29.98 -2.16
N ALA H 30 -14.54 -30.20 -2.31
CA ALA H 30 -15.20 -31.51 -2.30
C ALA H 30 -16.07 -31.64 -3.56
N ALA H 31 -15.98 -32.80 -4.23
CA ALA H 31 -16.74 -33.03 -5.43
C ALA H 31 -17.17 -34.48 -5.48
N GLY H 32 -18.16 -34.77 -6.33
CA GLY H 32 -18.61 -36.13 -6.60
C GLY H 32 -20.06 -36.38 -6.23
N TRP H 33 -20.41 -37.67 -6.26
CA TRP H 33 -21.81 -38.13 -6.16
C TRP H 33 -21.85 -39.32 -5.26
N ALA H 34 -22.78 -39.29 -4.33
CA ALA H 34 -22.87 -40.32 -3.32
C ALA H 34 -24.31 -40.47 -2.88
N SER H 35 -24.66 -41.66 -2.41
CA SER H 35 -26.02 -41.90 -1.90
C SER H 35 -26.08 -42.44 -0.48
N TYR H 36 -27.20 -42.19 0.19
CA TYR H 36 -27.50 -42.75 1.51
C TYR H 36 -28.48 -43.95 1.49
N GLY H 37 -28.75 -44.50 0.32
CA GLY H 37 -29.64 -45.64 0.17
C GLY H 37 -30.23 -45.70 -1.22
N PRO H 38 -30.97 -44.64 -1.63
CA PRO H 38 -31.59 -44.66 -2.98
C PRO H 38 -30.59 -44.86 -4.15
N THR H 39 -31.10 -45.27 -5.32
CA THR H 39 -30.24 -45.26 -6.53
C THR H 39 -29.80 -43.83 -6.91
N GLN H 40 -30.58 -42.84 -6.53
CA GLN H 40 -30.27 -41.42 -6.75
C GLN H 40 -29.02 -40.91 -5.99
N LYS H 41 -28.11 -40.26 -6.73
CA LYS H 41 -26.91 -39.67 -6.12
C LYS H 41 -27.08 -38.17 -5.87
N TRP H 42 -26.36 -37.68 -4.86
CA TRP H 42 -26.38 -36.28 -4.45
C TRP H 42 -24.97 -35.74 -4.33
N GLY H 43 -24.86 -34.42 -4.43
CA GLY H 43 -23.56 -33.75 -4.27
C GLY H 43 -23.13 -33.62 -2.82
N PRO H 44 -21.94 -33.00 -2.57
CA PRO H 44 -21.46 -32.90 -1.16
C PRO H 44 -22.34 -32.04 -0.22
N GLN H 45 -23.38 -31.38 -0.74
CA GLN H 45 -24.36 -30.67 0.11
C GLN H 45 -25.49 -31.60 0.59
N GLY H 46 -25.58 -32.77 -0.04
CA GLY H 46 -26.56 -33.78 0.28
C GLY H 46 -27.91 -33.50 -0.31
N ASP H 47 -28.93 -33.91 0.45
CA ASP H 47 -30.29 -33.98 -0.06
C ASP H 47 -31.17 -33.06 0.76
N ARG H 48 -31.48 -31.92 0.15
CA ARG H 48 -32.27 -30.86 0.80
C ARG H 48 -33.73 -31.29 1.05
N GLU H 49 -34.13 -32.41 0.47
CA GLU H 49 -35.51 -32.85 0.53
C GLU H 49 -35.76 -33.97 1.58
N HIS H 50 -34.69 -34.48 2.19
CA HIS H 50 -34.73 -35.60 3.14
C HIS H 50 -34.74 -35.10 4.58
N PRO H 51 -35.60 -35.70 5.46
CA PRO H 51 -35.63 -35.31 6.87
C PRO H 51 -34.46 -35.84 7.74
N ASP H 52 -34.16 -35.11 8.82
CA ASP H 52 -33.14 -35.51 9.81
C ASP H 52 -33.70 -36.58 10.75
N GLN H 53 -33.08 -37.74 10.70
CA GLN H 53 -33.56 -38.90 11.41
C GLN H 53 -32.55 -39.39 12.40
N GLY H 54 -31.65 -38.50 12.85
CA GLY H 54 -30.57 -38.88 13.78
C GLY H 54 -29.21 -38.83 13.10
N LEU H 55 -29.04 -37.84 12.22
CA LEU H 55 -27.77 -37.56 11.55
C LEU H 55 -26.65 -37.26 12.54
N ILE H 56 -25.41 -37.62 12.17
CA ILE H 56 -24.22 -37.27 12.98
C ILE H 56 -23.94 -35.78 12.96
N CYS H 57 -24.60 -35.06 12.05
CA CYS H 57 -24.50 -33.61 11.95
C CYS H 57 -25.85 -33.00 11.65
N HIS H 58 -26.36 -32.23 12.61
CA HIS H 58 -27.72 -31.76 12.55
C HIS H 58 -27.77 -30.50 11.74
N ASP H 59 -26.58 -30.00 11.38
CA ASP H 59 -26.41 -28.72 10.69
C ASP H 59 -26.09 -28.83 9.21
N ALA H 60 -26.20 -30.05 8.68
CA ALA H 60 -26.03 -30.33 7.25
C ALA H 60 -27.06 -31.37 6.87
N PHE H 61 -27.44 -31.39 5.58
CA PHE H 61 -28.37 -32.39 5.07
C PHE H 61 -27.83 -33.83 5.13
N CYS H 62 -28.75 -34.79 5.09
CA CYS H 62 -28.39 -36.17 4.87
C CYS H 62 -27.66 -36.29 3.55
N GLY H 63 -26.46 -36.84 3.60
CA GLY H 63 -25.65 -36.99 2.40
C GLY H 63 -24.64 -35.87 2.16
N ALA H 64 -24.69 -34.83 2.98
CA ALA H 64 -23.64 -33.79 2.98
C ALA H 64 -22.31 -34.28 3.58
N LEU H 65 -21.20 -33.66 3.17
CA LEU H 65 -19.89 -33.97 3.71
C LEU H 65 -19.68 -33.06 4.91
N VAL H 66 -19.18 -33.66 5.98
CA VAL H 66 -18.96 -33.01 7.25
C VAL H 66 -17.60 -33.50 7.71
N MET H 67 -17.06 -32.86 8.74
CA MET H 67 -15.73 -33.14 9.23
C MET H 67 -15.73 -33.03 10.76
N LYS H 68 -14.75 -33.66 11.40
CA LYS H 68 -14.39 -33.44 12.80
C LYS H 68 -12.94 -32.99 12.83
N ILE H 69 -12.63 -32.07 13.74
CA ILE H 69 -11.26 -31.59 13.95
C ILE H 69 -10.84 -32.00 15.37
N GLY H 70 -9.91 -32.94 15.49
CA GLY H 70 -9.57 -33.49 16.81
C GLY H 70 -10.82 -33.88 17.61
N ASN H 71 -10.93 -33.41 18.85
CA ASN H 71 -12.12 -33.68 19.68
C ASN H 71 -13.41 -32.87 19.37
N SER H 72 -13.43 -32.11 18.27
CA SER H 72 -14.61 -31.30 17.94
C SER H 72 -15.87 -32.13 17.62
N GLY H 73 -17.03 -31.49 17.67
CA GLY H 73 -18.27 -32.07 17.16
C GLY H 73 -18.17 -31.98 15.66
N THR H 74 -19.08 -32.64 14.94
CA THR H 74 -19.09 -32.55 13.47
C THR H 74 -19.35 -31.11 13.02
N ILE H 75 -18.62 -30.66 11.99
CA ILE H 75 -18.78 -29.31 11.42
C ILE H 75 -19.11 -29.52 9.96
N PRO H 76 -20.17 -28.87 9.44
CA PRO H 76 -20.42 -28.93 8.01
C PRO H 76 -19.19 -28.55 7.11
N VAL H 77 -18.99 -29.31 6.03
CA VAL H 77 -18.05 -28.92 4.98
C VAL H 77 -18.83 -28.59 3.70
N ASN H 78 -19.79 -29.45 3.38
CA ASN H 78 -20.59 -29.27 2.18
C ASN H 78 -19.66 -29.29 0.97
N THR H 79 -19.77 -28.30 0.07
CA THR H 79 -18.93 -28.22 -1.13
C THR H 79 -17.50 -27.76 -0.87
N GLY H 80 -17.24 -27.14 0.28
CA GLY H 80 -15.90 -26.78 0.66
C GLY H 80 -15.81 -25.58 1.56
N LEU H 81 -14.57 -25.21 1.91
CA LEU H 81 -14.30 -24.10 2.82
C LEU H 81 -13.21 -23.21 2.23
N PHE H 82 -13.49 -21.91 2.08
CA PHE H 82 -12.59 -20.97 1.39
C PHE H 82 -11.88 -20.08 2.39
N ARG H 83 -10.58 -20.33 2.60
CA ARG H 83 -9.72 -19.56 3.52
C ARG H 83 -10.40 -19.43 4.89
N TRP H 84 -10.66 -20.60 5.48
CA TRP H 84 -11.49 -20.76 6.66
C TRP H 84 -10.63 -20.99 7.87
N VAL H 85 -11.03 -20.35 8.97
CA VAL H 85 -10.40 -20.48 10.27
C VAL H 85 -11.40 -21.19 11.23
N ALA H 86 -10.95 -22.23 11.94
CA ALA H 86 -11.81 -22.97 12.87
C ALA H 86 -12.20 -22.08 14.05
N PRO H 87 -13.30 -22.44 14.75
CA PRO H 87 -13.59 -21.68 15.98
C PRO H 87 -12.45 -21.79 16.99
N ASN H 88 -12.39 -20.87 17.94
CA ASN H 88 -11.40 -20.95 19.04
C ASN H 88 -11.52 -22.31 19.73
N ASN H 89 -10.39 -22.82 20.22
CA ASN H 89 -10.28 -24.13 20.96
C ASN H 89 -10.53 -25.38 20.14
N VAL H 90 -10.80 -25.19 18.86
CA VAL H 90 -10.82 -26.29 17.93
C VAL H 90 -9.41 -26.48 17.30
N GLN H 91 -8.87 -27.69 17.43
CA GLN H 91 -7.57 -28.08 16.86
C GLN H 91 -7.43 -29.61 16.78
N GLY H 92 -6.58 -30.11 15.89
CA GLY H 92 -6.34 -31.56 15.77
C GLY H 92 -6.54 -32.11 14.37
N ALA H 93 -6.47 -33.42 14.23
CA ALA H 93 -6.49 -34.08 12.92
C ALA H 93 -7.88 -34.01 12.28
N ILE H 94 -7.92 -33.71 10.99
CA ILE H 94 -9.21 -33.59 10.29
C ILE H 94 -9.63 -34.97 9.81
N THR H 95 -10.81 -35.39 10.26
CA THR H 95 -11.52 -36.54 9.70
C THR H 95 -12.73 -36.09 8.83
N LEU H 96 -12.81 -36.67 7.65
CA LEU H 96 -13.92 -36.45 6.74
C LEU H 96 -14.94 -37.60 6.77
N ILE H 97 -16.20 -37.23 6.94
CA ILE H 97 -17.29 -38.16 7.13
C ILE H 97 -18.54 -37.72 6.33
N TYR H 98 -19.12 -38.68 5.62
CA TYR H 98 -20.43 -38.58 4.99
C TYR H 98 -21.50 -38.43 6.06
N ASN H 99 -22.45 -37.53 5.85
CA ASN H 99 -23.48 -37.32 6.85
C ASN H 99 -24.64 -38.29 6.64
N ASP H 100 -24.78 -39.19 7.60
CA ASP H 100 -25.88 -40.16 7.67
C ASP H 100 -26.13 -40.48 9.15
N VAL H 101 -27.13 -41.32 9.38
CA VAL H 101 -27.54 -41.87 10.68
C VAL H 101 -26.66 -43.07 11.04
N PRO H 102 -26.12 -43.10 12.27
CA PRO H 102 -25.36 -44.29 12.69
C PRO H 102 -26.10 -45.64 12.58
N GLY H 103 -25.35 -46.69 12.26
CA GLY H 103 -25.90 -48.02 11.92
C GLY H 103 -26.52 -48.18 10.52
N THR H 104 -26.75 -47.07 9.81
CA THR H 104 -27.40 -47.12 8.50
C THR H 104 -26.46 -46.93 7.28
N TYR H 105 -25.14 -46.95 7.49
CA TYR H 105 -24.18 -46.61 6.43
C TYR H 105 -23.94 -47.73 5.40
N GLY H 106 -24.39 -48.95 5.69
CA GLY H 106 -24.08 -50.11 4.84
C GLY H 106 -24.74 -50.17 3.47
N ASN H 107 -25.85 -49.45 3.31
CA ASN H 107 -26.51 -49.34 2.00
C ASN H 107 -26.08 -48.07 1.18
N ASN H 108 -25.04 -47.37 1.65
CA ASN H 108 -24.58 -46.15 0.98
C ASN H 108 -23.62 -46.49 -0.13
N SER H 109 -23.50 -45.59 -1.12
CA SER H 109 -22.57 -45.77 -2.23
C SER H 109 -22.02 -44.45 -2.77
N GLY H 110 -20.94 -44.56 -3.55
CA GLY H 110 -20.24 -43.42 -4.08
C GLY H 110 -19.33 -42.85 -3.02
N SER H 111 -18.85 -41.63 -3.26
CA SER H 111 -17.78 -41.07 -2.48
C SER H 111 -17.61 -39.63 -2.89
N PHE H 112 -16.99 -38.83 -2.04
CA PHE H 112 -16.51 -37.52 -2.44
C PHE H 112 -15.00 -37.46 -2.53
N SER H 113 -14.54 -36.88 -3.64
CA SER H 113 -13.16 -36.49 -3.83
C SER H 113 -12.97 -35.12 -3.18
N VAL H 114 -11.91 -35.01 -2.38
CA VAL H 114 -11.71 -33.91 -1.48
C VAL H 114 -10.27 -33.51 -1.51
N ASN H 115 -10.01 -32.20 -1.57
CA ASN H 115 -8.68 -31.56 -1.46
C ASN H 115 -8.73 -30.62 -0.27
N ILE H 116 -7.67 -30.63 0.55
CA ILE H 116 -7.53 -29.77 1.74
C ILE H 116 -6.12 -29.20 1.76
N GLY H 117 -6.01 -27.87 1.77
CA GLY H 117 -4.73 -27.23 1.99
C GLY H 117 -4.74 -26.16 3.09
N LYS H 118 -3.53 -25.81 3.56
CA LYS H 118 -3.32 -24.71 4.48
C LYS H 118 -2.98 -23.48 3.67
N ASP H 119 -3.47 -22.34 4.13
CA ASP H 119 -3.35 -21.15 3.31
C ASP H 119 -2.41 -20.18 3.97
N GLN H 120 -1.96 -19.21 3.19
CA GLN H 120 -1.14 -18.11 3.70
C GLN H 120 -1.79 -17.45 4.93
N SER H 121 -0.94 -17.09 5.87
CA SER H 121 -1.33 -16.71 7.21
C SER H 121 -0.28 -15.73 7.69
C1 MBG I . 37.84 21.61 22.50
C2 MBG I . 37.28 20.18 22.60
C3 MBG I . 38.24 19.18 23.24
C4 MBG I . 39.69 19.36 22.79
C5 MBG I . 40.09 20.84 22.80
C6 MBG I . 41.52 21.09 22.32
C7 MBG I . 37.46 22.90 20.46
O1 MBG I . 36.98 22.48 21.74
O2 MBG I . 36.11 20.13 23.42
O3 MBG I . 37.78 17.86 22.93
O4 MBG I . 39.82 18.82 21.47
O5 MBG I . 39.17 21.55 21.95
O6 MBG I . 42.13 22.10 23.12
C1 GLA I . 34.87 20.46 22.70
C2 GLA I . 33.82 20.61 23.77
C3 GLA I . 33.41 19.25 24.30
C4 GLA I . 32.92 18.38 23.14
C5 GLA I . 33.99 18.27 22.04
C6 GLA I . 33.44 17.66 20.78
O2 GLA I . 34.33 21.41 24.80
O3 GLA I . 32.36 19.39 25.25
O4 GLA I . 31.73 18.95 22.66
O5 GLA I . 34.53 19.53 21.67
O6 GLA I . 34.52 17.31 19.94
C1 MBG J . -37.91 17.40 -20.52
C2 MBG J . -37.11 18.52 -21.20
C3 MBG J . -37.83 19.06 -22.44
C4 MBG J . -38.32 17.95 -23.37
C5 MBG J . -39.14 16.97 -22.54
C6 MBG J . -39.75 15.84 -23.39
C7 MBG J . -37.38 15.51 -19.05
O1 MBG J . -37.08 16.85 -19.47
O2 MBG J . -36.95 19.61 -20.31
O3 MBG J . -36.94 19.96 -23.14
O4 MBG J . -37.21 17.30 -24.02
O5 MBG J . -38.30 16.42 -21.51
O6 MBG J . -40.44 14.88 -22.54
C1 GLA J . -35.95 19.43 -19.18
C2 GLA J . -36.16 20.66 -18.27
C3 GLA J . -35.60 21.92 -18.94
C4 GLA J . -34.14 21.68 -19.33
C5 GLA J . -33.99 20.43 -20.20
C6 GLA J . -32.55 20.17 -20.60
O2 GLA J . -37.52 20.84 -17.96
O3 GLA J . -35.69 22.95 -17.99
O4 GLA J . -33.40 21.51 -18.13
O5 GLA J . -34.56 19.28 -19.56
O6 GLA J . -32.47 19.18 -21.61
C1 MBG K . -36.49 -4.21 -4.45
C2 MBG K . -35.66 -4.89 -3.34
C3 MBG K . -36.48 -5.90 -2.54
C4 MBG K . -37.89 -5.38 -2.20
C5 MBG K . -38.58 -4.74 -3.39
C6 MBG K . -39.93 -4.14 -2.96
C7 MBG K . -36.04 -2.97 -6.45
O1 MBG K . -35.74 -3.15 -5.06
O2 MBG K . -34.54 -5.58 -3.91
O3 MBG K . -35.78 -6.26 -1.33
O4 MBG K . -37.78 -4.41 -1.15
O5 MBG K . -37.72 -3.71 -3.90
O6 MBG K . -40.67 -3.50 -4.02
C1 GLA K . -33.31 -4.73 -4.22
C2 GLA K . -32.34 -5.61 -5.02
C3 GLA K . -31.66 -6.61 -4.08
C4 GLA K . -30.96 -5.87 -2.94
C5 GLA K . -31.94 -4.93 -2.22
C6 GLA K . -31.20 -4.14 -1.15
O2 GLA K . -32.97 -6.23 -6.12
O3 GLA K . -30.72 -7.43 -4.75
O4 GLA K . -29.83 -5.19 -3.45
O5 GLA K . -32.68 -4.07 -3.11
O6 GLA K . -32.07 -3.23 -0.51
C1 MBG L . 36.06 5.08 -4.24
C2 MBG L . 35.13 5.42 -5.44
C3 MBG L . 35.47 6.73 -6.16
C4 MBG L . 35.91 7.86 -5.22
C5 MBG L . 36.92 7.27 -4.25
C6 MBG L . 37.61 8.31 -3.39
C7 MBG L . 35.95 3.81 -2.13
O1 MBG L . 35.52 3.97 -3.48
O2 MBG L . 35.18 4.39 -6.42
O3 MBG L . 34.34 7.12 -6.93
O4 MBG L . 34.81 8.46 -4.51
O5 MBG L . 36.27 6.27 -3.46
O6 MBG L . 38.89 8.48 -3.98
C1 GLA L . 34.18 3.28 -6.12
C2 GLA L . 34.27 2.20 -7.19
C3 GLA L . 33.48 2.62 -8.42
C4 GLA L . 32.05 2.97 -8.06
C5 GLA L . 31.98 4.03 -6.97
C6 GLA L . 30.56 4.11 -6.41
O2 GLA L . 35.60 1.91 -7.53
O3 GLA L . 33.45 1.47 -9.22
O4 GLA L . 31.41 1.79 -7.60
O5 GLA L . 32.84 3.71 -5.89
O6 GLA L . 30.20 5.45 -6.17
C1 MBG M . -37.85 -29.79 -19.52
C2 MBG M . -36.98 -29.01 -20.53
C3 MBG M . -37.53 -29.03 -21.97
C4 MBG M . -38.11 -30.41 -22.38
C5 MBG M . -38.93 -31.02 -21.24
C6 MBG M . -39.59 -32.36 -21.55
C7 MBG M . -37.81 -30.58 -17.20
O1 MBG M . -37.19 -29.81 -18.25
O2 MBG M . -36.88 -27.63 -20.18
O3 MBG M . -36.53 -28.58 -22.89
O4 MBG M . -37.03 -31.27 -22.75
O5 MBG M . -38.10 -31.10 -20.07
O6 MBG M . -40.34 -32.83 -20.41
C1 GLA M . -35.92 -27.25 -19.05
C2 GLA M . -36.19 -25.76 -18.82
C3 GLA M . -35.69 -24.97 -20.01
C4 GLA M . -34.23 -25.30 -20.34
C5 GLA M . -34.04 -26.81 -20.46
C6 GLA M . -32.60 -27.25 -20.70
O2 GLA M . -37.58 -25.59 -18.65
O3 GLA M . -35.81 -23.60 -19.71
O4 GLA M . -33.40 -24.78 -19.34
O5 GLA M . -34.54 -27.44 -19.28
O6 GLA M . -32.62 -28.58 -21.19
C1 MBG N . -36.12 -43.88 3.85
C2 MBG N . -35.25 -43.97 5.11
C3 MBG N . -35.95 -44.76 6.24
C4 MBG N . -37.38 -44.28 6.43
C5 MBG N . -38.08 -44.35 5.08
C6 MBG N . -39.56 -44.01 5.17
C7 MBG N . -35.02 -43.60 1.77
O1 MBG N . -35.55 -42.94 2.94
O2 MBG N . -34.05 -44.70 4.82
O3 MBG N . -35.21 -44.62 7.46
O4 MBG N . -37.38 -42.93 6.93
O5 MBG N . -37.44 -43.43 4.18
O6 MBG N . -40.18 -44.77 4.13
C1 GLA N . -32.92 -44.04 4.37
C2 GLA N . -31.78 -45.05 4.20
C3 GLA N . -31.07 -45.27 5.53
C4 GLA N . -30.69 -43.94 6.19
C5 GLA N . -31.89 -43.00 6.32
C6 GLA N . -31.52 -41.61 6.81
O2 GLA N . -32.28 -46.26 3.69
O3 GLA N . -29.93 -46.07 5.28
O4 GLA N . -29.69 -43.31 5.44
O5 GLA N . -32.56 -42.85 5.08
O6 GLA N . -32.72 -40.99 7.22
CA CA O . 30.06 19.94 24.45
CA CA P . 32.20 40.36 -0.79
C1 GLA Q . 34.16 42.22 3.90
C2 GLA Q . 34.29 41.71 2.46
C3 GLA Q . 33.67 42.69 1.46
C4 GLA Q . 32.21 42.92 1.82
C5 GLA Q . 32.03 43.30 3.31
C6 GLA Q . 30.56 43.22 3.69
O1 GLA Q . 35.04 43.31 4.19
O2 GLA Q . 35.63 41.50 2.10
O3 GLA Q . 33.75 42.20 0.14
O4 GLA Q . 31.45 41.78 1.46
O5 GLA Q . 32.80 42.52 4.23
O6 GLA Q . 30.43 43.62 5.04
CA CA R . -34.12 23.32 -16.11
CA CA S . -28.48 -6.41 -5.27
CA CA T . 29.70 -8.24 21.69
C1 GLA U . 34.92 -9.49 20.20
C2 GLA U . 33.99 -8.51 20.97
C3 GLA U . 33.07 -9.32 21.89
C4 GLA U . 32.39 -10.46 21.16
C5 GLA U . 33.35 -11.32 20.31
C6 GLA U . 32.60 -12.24 19.35
O1 GLA U . 36.35 -9.54 20.49
O2 GLA U . 34.74 -7.58 21.74
O3 GLA U . 32.09 -8.45 22.46
O4 GLA U . 31.34 -9.95 20.37
O5 GLA U . 34.29 -10.59 19.53
O6 GLA U . 33.57 -13.08 18.75
CA CA V . 31.97 -0.14 -9.28
CA CA W . -34.00 -22.66 -18.02
CA CA X . -27.87 -45.14 4.59
#